data_5M41
#
_entry.id   5M41
#
_cell.length_a   185.160
_cell.length_b   185.160
_cell.length_c   185.160
_cell.angle_alpha   90.00
_cell.angle_beta   90.00
_cell.angle_gamma   90.00
#
_symmetry.space_group_name_H-M   'I 2 3'
#
loop_
_entity.id
_entity.type
_entity.pdbx_description
1 polymer Nigritoxine
2 non-polymer 'MAGNESIUM ION'
3 water water
#
_entity_poly.entity_id   1
_entity_poly.type   'polypeptide(L)'
_entity_poly.pdbx_seq_one_letter_code
;MSLPSNPTPVIPANLDLGGINHSAVANRYRNLTKEAQQNLYQFAIIEVLSQIREERPDKNLDAYNALIGIDKVTTVDIYT
YGATNMFFMPDARGSKTGILVNLNSPDKPYTNIQQPSDFNNINDESFRQNFTSWEKRDGTTYSGVDTALDGLQEGQGGWN
LGYFNQKTPRTINISELSKILVERLDYHVSQENNDDQILSTLLLDVLPRSAKGAAREPLGVSASGIPFQLEFTFEGFTSP
TDELRAIQSPFSHLAKYFDLLVASTNGSDLQDVEYSQEQAENIGAWIDSGTQLLMSASGIGAAVSVIQGAAGLTADAIEG
KEIDPLDVISLSLAAIPGGKIVAKLSKVSKNLGQVVRGGISIAETGVDIVGSSRDLIEGFKKGNFTDIINGLVSVASSSA
SGRPGKSKIGNAIKKGNPDAPLPTRPTYRNHEGEVRPIPTAQTKSFFERVAIVRREGLSGRGAIGLDLTAAQKRGAELSG
MGGTISKSNPNGNVSQVYINEAEGIEKNITYRKVPVPNEPGNFENRLQESFLDNNGQTKWRDFPYAGEEFDFRLQHKDDF
NNIGDLGVGKQGIIAVNNPYSFVHHSHTFEQKGISNNHLTLESNAFLTYIEGKKTGDFENKYGNEMEWLVRKFKTKKNDF
DLKDIPDNIHFRTDREKGDHSLTTYTLQDFITVVENAPTKMRKVKNDEFALNNIVESMRATAKNMGASPDTLFLDVASTN
YMTQLMGQVLTNGRQELNLQGLSNAAQKLRNGASSSV
;
_entity_poly.pdbx_strand_id   A
#
loop_
_chem_comp.id
_chem_comp.type
_chem_comp.name
_chem_comp.formula
MG non-polymer 'MAGNESIUM ION' 'Mg 2'
#
# COMPACT_ATOMS: atom_id res chain seq x y z
N LEU A 17 -18.94 -3.69 -20.64
CA LEU A 17 -18.40 -2.38 -20.14
C LEU A 17 -16.91 -2.18 -20.41
N GLY A 18 -16.60 -1.59 -21.58
CA GLY A 18 -15.25 -1.11 -21.86
C GLY A 18 -14.80 -0.98 -23.32
N GLY A 19 -14.61 -2.13 -23.98
CA GLY A 19 -13.86 -2.16 -25.24
C GLY A 19 -12.36 -2.07 -24.96
N ILE A 20 -11.57 -1.99 -26.03
CA ILE A 20 -10.11 -1.95 -25.89
C ILE A 20 -9.59 -0.52 -25.75
N ASN A 21 -8.68 -0.28 -24.80
CA ASN A 21 -7.99 1.00 -24.75
C ASN A 21 -6.88 1.01 -25.80
N HIS A 22 -7.20 1.49 -27.01
CA HIS A 22 -6.25 1.37 -28.14
C HIS A 22 -4.99 2.17 -27.95
N SER A 23 -5.07 3.34 -27.34
CA SER A 23 -3.86 4.10 -27.11
C SER A 23 -2.90 3.41 -26.14
N ALA A 24 -3.42 2.69 -25.15
CA ALA A 24 -2.55 1.96 -24.20
C ALA A 24 -1.77 0.85 -24.92
N VAL A 25 -2.44 0.12 -25.82
CA VAL A 25 -1.76 -0.89 -26.63
C VAL A 25 -0.74 -0.23 -27.57
N ALA A 26 -1.21 0.75 -28.35
CA ALA A 26 -0.38 1.45 -29.31
C ALA A 26 0.84 2.12 -28.65
N ASN A 27 0.66 2.76 -27.47
CA ASN A 27 1.78 3.33 -26.72
C ASN A 27 2.86 2.32 -26.34
N ARG A 28 2.46 1.14 -25.86
CA ARG A 28 3.47 0.12 -25.57
C ARG A 28 4.32 -0.15 -26.81
N TYR A 29 3.70 -0.26 -27.96
CA TYR A 29 4.43 -0.65 -29.18
C TYR A 29 5.31 0.50 -29.69
N ARG A 30 4.72 1.69 -29.73
CA ARG A 30 5.39 2.88 -30.23
C ARG A 30 6.60 3.25 -29.36
N ASN A 31 6.52 2.98 -28.08
CA ASN A 31 7.64 3.33 -27.21
C ASN A 31 8.79 2.32 -27.16
N LEU A 32 8.65 1.20 -27.87
CA LEU A 32 9.77 0.27 -28.03
C LEU A 32 10.80 0.93 -28.95
N THR A 33 12.08 0.65 -28.74
CA THR A 33 13.10 1.07 -29.72
C THR A 33 12.83 0.31 -31.04
N LYS A 34 13.33 0.82 -32.15
CA LYS A 34 13.27 0.11 -33.44
C LYS A 34 13.80 -1.33 -33.34
N GLU A 35 14.92 -1.50 -32.64
CA GLU A 35 15.51 -2.82 -32.41
C GLU A 35 14.53 -3.80 -31.73
N ALA A 36 13.90 -3.33 -30.64
CA ALA A 36 12.88 -4.11 -29.91
C ALA A 36 11.65 -4.44 -30.77
N GLN A 37 11.20 -3.48 -31.59
CA GLN A 37 10.09 -3.76 -32.55
C GLN A 37 10.46 -4.84 -33.59
N GLN A 38 11.68 -4.77 -34.15
CA GLN A 38 12.19 -5.82 -35.05
C GLN A 38 12.22 -7.18 -34.34
N ASN A 39 12.71 -7.17 -33.11
CA ASN A 39 12.78 -8.39 -32.30
C ASN A 39 11.37 -8.95 -32.09
N LEU A 40 10.43 -8.07 -31.78
CA LEU A 40 9.03 -8.49 -31.64
C LEU A 40 8.57 -9.22 -32.93
N TYR A 41 8.77 -8.58 -34.08
CA TYR A 41 8.35 -9.23 -35.33
C TYR A 41 9.12 -10.52 -35.57
N GLN A 42 10.41 -10.49 -35.24
CA GLN A 42 11.28 -11.64 -35.44
C GLN A 42 10.75 -12.84 -34.67
N PHE A 43 10.36 -12.63 -33.41
CA PHE A 43 9.80 -13.72 -32.59
C PHE A 43 8.47 -14.24 -33.12
N ALA A 44 7.60 -13.33 -33.59
CA ALA A 44 6.37 -13.72 -34.29
C ALA A 44 6.65 -14.63 -35.50
N ILE A 45 7.60 -14.23 -36.32
CA ILE A 45 8.02 -15.04 -37.48
C ILE A 45 8.49 -16.43 -37.02
N ILE A 46 9.40 -16.44 -36.04
CA ILE A 46 9.88 -17.69 -35.45
C ILE A 46 8.70 -18.59 -35.03
N GLU A 47 7.72 -18.03 -34.35
CA GLU A 47 6.56 -18.82 -33.95
C GLU A 47 5.87 -19.46 -35.17
N VAL A 48 5.69 -18.69 -36.24
CA VAL A 48 4.95 -19.18 -37.40
C VAL A 48 5.77 -20.23 -38.15
N LEU A 49 7.08 -19.99 -38.29
CA LEU A 49 7.95 -21.02 -38.84
C LEU A 49 7.89 -22.32 -38.04
N SER A 50 7.88 -22.27 -36.70
CA SER A 50 7.76 -23.49 -35.88
C SER A 50 6.47 -24.24 -36.21
N GLN A 51 5.38 -23.50 -36.39
CA GLN A 51 4.12 -24.11 -36.73
C GLN A 51 4.16 -24.75 -38.12
N ILE A 52 4.77 -24.05 -39.08
CA ILE A 52 4.94 -24.59 -40.43
C ILE A 52 5.76 -25.88 -40.38
N ARG A 53 6.86 -25.84 -39.62
CA ARG A 53 7.76 -26.96 -39.53
C ARG A 53 7.06 -28.21 -38.98
N GLU A 54 6.43 -28.08 -37.81
CA GLU A 54 5.79 -29.21 -37.14
C GLU A 54 4.65 -29.83 -37.95
N GLU A 55 4.00 -29.01 -38.76
CA GLU A 55 2.83 -29.39 -39.53
C GLU A 55 3.20 -29.91 -40.93
N ARG A 56 4.50 -30.14 -41.14
CA ARG A 56 5.02 -30.58 -42.44
C ARG A 56 6.03 -31.73 -42.25
N PRO A 57 6.15 -32.62 -43.26
CA PRO A 57 6.85 -33.89 -43.04
C PRO A 57 8.37 -33.80 -42.93
N ASP A 58 9.00 -33.03 -43.84
CA ASP A 58 10.45 -32.97 -43.95
C ASP A 58 11.18 -32.51 -42.68
N LYS A 59 10.65 -31.43 -42.06
CA LYS A 59 11.21 -30.81 -40.84
C LYS A 59 12.42 -29.89 -41.08
N ASN A 60 12.56 -29.41 -42.33
CA ASN A 60 13.63 -28.47 -42.73
C ASN A 60 13.73 -27.27 -41.79
N LEU A 61 14.94 -26.92 -41.39
CA LEU A 61 15.16 -25.77 -40.51
C LEU A 61 15.77 -24.56 -41.24
N ASP A 62 15.68 -24.54 -42.57
CA ASP A 62 16.39 -23.52 -43.35
C ASP A 62 15.96 -22.11 -42.99
N ALA A 63 14.68 -21.82 -43.18
CA ALA A 63 14.13 -20.52 -42.84
C ALA A 63 14.38 -20.23 -41.37
N TYR A 64 14.04 -21.17 -40.50
CA TYR A 64 14.31 -21.13 -39.05
C TYR A 64 15.77 -20.71 -38.75
N ASN A 65 16.74 -21.45 -39.29
CA ASN A 65 18.15 -21.15 -39.09
C ASN A 65 18.65 -19.88 -39.73
N ALA A 66 18.18 -19.58 -40.94
CA ALA A 66 18.69 -18.42 -41.65
C ALA A 66 18.18 -17.15 -40.99
N LEU A 67 17.09 -17.31 -40.23
CA LEU A 67 16.49 -16.23 -39.45
C LEU A 67 17.16 -16.19 -38.07
N ILE A 68 17.16 -17.31 -37.36
CA ILE A 68 17.82 -17.42 -36.05
C ILE A 68 19.36 -17.36 -36.20
N GLY A 69 19.86 -16.28 -36.81
CA GLY A 69 21.30 -16.03 -37.02
C GLY A 69 22.12 -17.17 -37.60
N LYS A 72 23.38 -20.45 -38.69
CA LYS A 72 23.67 -20.88 -40.06
C LYS A 72 23.80 -19.69 -41.00
N VAL A 73 24.71 -19.80 -41.97
CA VAL A 73 24.86 -18.77 -43.02
C VAL A 73 24.42 -19.30 -44.39
N THR A 74 23.32 -20.04 -44.37
CA THR A 74 22.56 -20.44 -45.56
C THR A 74 21.55 -19.32 -45.92
N THR A 75 21.20 -19.21 -47.20
CA THR A 75 20.43 -18.07 -47.68
C THR A 75 18.97 -18.45 -47.99
N VAL A 76 18.03 -17.61 -47.59
CA VAL A 76 16.61 -17.94 -47.75
C VAL A 76 15.87 -16.74 -48.33
N ASP A 77 15.35 -16.90 -49.56
CA ASP A 77 14.60 -15.86 -50.25
C ASP A 77 13.21 -15.66 -49.66
N ILE A 78 12.82 -14.40 -49.53
CA ILE A 78 11.47 -14.01 -49.09
C ILE A 78 10.98 -12.97 -50.08
N TYR A 79 9.70 -12.99 -50.43
CA TYR A 79 9.14 -11.88 -51.20
C TYR A 79 8.42 -10.93 -50.23
N THR A 80 8.62 -9.63 -50.42
CA THR A 80 7.94 -8.63 -49.63
C THR A 80 6.82 -8.00 -50.44
N TYR A 81 5.88 -7.39 -49.74
CA TYR A 81 4.64 -6.92 -50.34
C TYR A 81 4.34 -5.56 -49.74
N GLY A 82 3.60 -4.75 -50.47
CA GLY A 82 2.92 -3.59 -49.88
C GLY A 82 1.73 -4.05 -49.02
N ALA A 83 2.00 -4.84 -47.99
CA ALA A 83 0.93 -5.39 -47.16
C ALA A 83 1.46 -5.58 -45.75
N THR A 84 0.75 -5.09 -44.75
CA THR A 84 1.24 -5.17 -43.37
C THR A 84 1.17 -6.63 -42.87
N ASN A 85 2.17 -7.07 -42.12
CA ASN A 85 2.15 -8.42 -41.50
C ASN A 85 2.30 -9.59 -42.48
N MET A 86 2.60 -9.30 -43.74
CA MET A 86 2.56 -10.34 -44.79
C MET A 86 3.81 -10.40 -45.61
N PHE A 87 4.15 -11.62 -46.03
CA PHE A 87 5.29 -11.87 -46.91
C PHE A 87 5.08 -13.25 -47.52
N PHE A 88 5.92 -13.60 -48.49
CA PHE A 88 5.87 -14.91 -49.17
C PHE A 88 7.16 -15.68 -49.03
N MET A 89 7.04 -16.99 -48.80
CA MET A 89 8.19 -17.87 -48.76
C MET A 89 8.13 -18.81 -49.98
N PRO A 90 8.83 -18.45 -51.05
CA PRO A 90 8.77 -19.27 -52.27
C PRO A 90 9.44 -20.60 -52.03
N ASP A 91 8.91 -21.64 -52.66
CA ASP A 91 9.45 -22.99 -52.49
C ASP A 91 10.75 -23.21 -53.25
N ALA A 92 11.06 -22.30 -54.16
CA ALA A 92 12.31 -22.31 -54.91
C ALA A 92 12.62 -20.91 -55.43
N ARG A 93 13.88 -20.66 -55.78
CA ARG A 93 14.29 -19.36 -56.33
C ARG A 93 13.43 -18.89 -57.52
N GLY A 94 12.71 -17.79 -57.32
CA GLY A 94 11.87 -17.22 -58.38
C GLY A 94 10.52 -17.90 -58.57
N SER A 95 10.21 -18.87 -57.72
CA SER A 95 8.93 -19.56 -57.78
C SER A 95 7.75 -18.66 -57.41
N LYS A 96 6.63 -18.90 -58.08
CA LYS A 96 5.36 -18.27 -57.74
C LYS A 96 4.57 -19.14 -56.75
N THR A 97 5.14 -20.27 -56.33
CA THR A 97 4.45 -21.12 -55.38
C THR A 97 5.27 -21.20 -54.12
N GLY A 98 4.63 -21.62 -53.03
CA GLY A 98 5.23 -21.62 -51.69
C GLY A 98 4.19 -21.22 -50.65
N ILE A 99 4.59 -20.39 -49.68
CA ILE A 99 3.76 -20.16 -48.51
C ILE A 99 3.54 -18.65 -48.28
N LEU A 100 2.28 -18.26 -48.20
CA LEU A 100 1.88 -16.91 -47.89
C LEU A 100 1.71 -16.83 -46.38
N VAL A 101 2.42 -15.90 -45.76
CA VAL A 101 2.31 -15.69 -44.30
C VAL A 101 1.53 -14.41 -44.00
N ASN A 102 0.59 -14.50 -43.04
CA ASN A 102 -0.11 -13.36 -42.46
C ASN A 102 0.04 -13.49 -40.95
N LEU A 103 0.98 -12.73 -40.40
CA LEU A 103 1.28 -12.87 -38.97
C LEU A 103 0.12 -12.45 -38.10
N ASN A 104 -0.83 -11.69 -38.65
CA ASN A 104 -1.97 -11.21 -37.85
C ASN A 104 -3.27 -11.97 -38.09
N SER A 105 -3.22 -13.10 -38.79
CA SER A 105 -4.44 -13.87 -39.04
C SER A 105 -4.76 -14.77 -37.86
N PRO A 106 -5.98 -14.71 -37.33
CA PRO A 106 -6.37 -15.61 -36.24
C PRO A 106 -6.20 -17.10 -36.61
N ASP A 107 -6.56 -17.46 -37.82
CA ASP A 107 -6.71 -18.87 -38.15
C ASP A 107 -5.87 -19.33 -39.35
N LYS A 108 -5.47 -18.39 -40.20
CA LYS A 108 -4.62 -18.71 -41.36
C LYS A 108 -3.28 -17.98 -41.30
N PRO A 109 -2.44 -18.27 -40.27
CA PRO A 109 -1.17 -17.54 -40.22
C PRO A 109 -0.27 -17.87 -41.42
N TYR A 110 -0.48 -19.05 -42.01
CA TYR A 110 0.24 -19.44 -43.24
C TYR A 110 -0.72 -20.22 -44.15
N THR A 111 -0.59 -19.97 -45.45
CA THR A 111 -1.42 -20.62 -46.44
C THR A 111 -0.52 -21.16 -47.52
N ASN A 112 -0.72 -22.42 -47.89
CA ASN A 112 0.02 -23.00 -48.99
C ASN A 112 -0.51 -22.48 -50.31
N ILE A 113 0.35 -21.80 -51.06
CA ILE A 113 -0.03 -21.34 -52.38
C ILE A 113 0.63 -22.33 -53.36
N GLN A 114 -0.19 -23.21 -53.93
CA GLN A 114 0.28 -24.19 -54.92
C GLN A 114 -0.04 -23.79 -56.36
N GLN A 115 -1.00 -22.90 -56.54
CA GLN A 115 -1.40 -22.44 -57.88
C GLN A 115 -2.02 -21.05 -57.78
N PRO A 116 -2.02 -20.29 -58.88
CA PRO A 116 -2.61 -18.95 -58.89
C PRO A 116 -3.97 -18.83 -58.20
N SER A 117 -4.85 -19.80 -58.44
CA SER A 117 -6.21 -19.78 -57.92
C SER A 117 -6.27 -19.77 -56.40
N ASP A 118 -5.23 -20.28 -55.74
CA ASP A 118 -5.13 -20.23 -54.28
C ASP A 118 -5.18 -18.80 -53.70
N PHE A 119 -4.57 -17.84 -54.40
CA PHE A 119 -4.70 -16.40 -54.05
C PHE A 119 -6.15 -15.91 -54.14
N ASN A 120 -6.90 -16.42 -55.11
CA ASN A 120 -8.27 -15.98 -55.34
C ASN A 120 -9.23 -16.37 -54.22
N ASN A 121 -8.91 -17.46 -53.53
CA ASN A 121 -9.72 -17.97 -52.43
C ASN A 121 -9.49 -17.28 -51.08
N ILE A 122 -8.47 -16.41 -51.02
CA ILE A 122 -8.20 -15.66 -49.79
C ILE A 122 -8.98 -14.36 -49.77
N ASN A 123 -9.94 -14.27 -48.85
CA ASN A 123 -10.81 -13.11 -48.82
C ASN A 123 -11.15 -12.54 -47.42
N ASP A 124 -10.63 -13.15 -46.36
CA ASP A 124 -10.95 -12.81 -44.95
CA ASP A 124 -11.09 -12.73 -45.03
C ASP A 124 -10.50 -11.39 -44.59
N GLU A 125 -11.22 -10.76 -43.67
CA GLU A 125 -10.95 -9.43 -43.20
C GLU A 125 -9.55 -9.34 -42.57
N SER A 126 -9.07 -10.43 -41.98
CA SER A 126 -7.75 -10.43 -41.38
C SER A 126 -6.62 -10.23 -42.41
N PHE A 127 -6.93 -10.42 -43.70
CA PHE A 127 -6.01 -10.12 -44.80
C PHE A 127 -6.26 -8.71 -45.32
N ARG A 128 -7.53 -8.38 -45.47
CA ARG A 128 -7.92 -7.12 -46.01
C ARG A 128 -7.46 -5.95 -45.15
N GLN A 129 -7.48 -6.14 -43.83
CA GLN A 129 -7.04 -5.16 -42.81
C GLN A 129 -5.58 -4.75 -42.98
N ASN A 130 -4.80 -5.61 -43.61
CA ASN A 130 -3.37 -5.37 -43.76
C ASN A 130 -3.02 -4.35 -44.84
N PHE A 131 -4.06 -3.84 -45.53
CA PHE A 131 -3.90 -2.86 -46.57
C PHE A 131 -4.42 -1.50 -46.12
N THR A 132 -3.77 -0.42 -46.55
CA THR A 132 -4.24 0.93 -46.25
C THR A 132 -5.58 1.20 -46.93
N SER A 133 -6.25 2.30 -46.54
CA SER A 133 -7.46 2.75 -47.26
C SER A 133 -7.22 2.89 -48.75
N TRP A 134 -6.11 3.53 -49.10
CA TRP A 134 -5.70 3.69 -50.49
C TRP A 134 -5.54 2.36 -51.21
N GLU A 135 -4.92 1.38 -50.55
CA GLU A 135 -4.61 0.09 -51.17
C GLU A 135 -5.77 -0.89 -51.24
N LYS A 136 -6.78 -0.72 -50.39
CA LYS A 136 -7.79 -1.75 -50.16
C LYS A 136 -8.62 -2.04 -51.41
N ARG A 137 -8.77 -1.01 -52.24
CA ARG A 137 -9.51 -1.11 -53.50
C ARG A 137 -8.92 -2.13 -54.50
N ASP A 138 -7.61 -2.40 -54.42
CA ASP A 138 -6.92 -3.31 -55.37
C ASP A 138 -7.63 -4.67 -55.49
N GLY A 139 -8.12 -5.19 -54.36
CA GLY A 139 -8.75 -6.52 -54.32
C GLY A 139 -10.18 -6.60 -54.84
N THR A 140 -10.64 -5.49 -55.45
CA THR A 140 -11.95 -5.37 -56.16
C THR A 140 -13.11 -5.07 -55.21
N GLY A 158 -16.85 -8.51 -52.54
CA GLY A 158 -16.18 -9.45 -53.43
C GLY A 158 -14.67 -9.41 -53.36
N TRP A 159 -14.14 -8.76 -52.32
CA TRP A 159 -12.68 -8.58 -52.15
C TRP A 159 -11.90 -9.88 -52.05
N ASN A 160 -10.80 -10.00 -52.80
CA ASN A 160 -9.88 -11.14 -52.64
C ASN A 160 -8.45 -10.88 -53.14
N LEU A 161 -7.53 -11.80 -52.85
CA LEU A 161 -6.11 -11.63 -53.23
C LEU A 161 -5.69 -12.11 -54.64
N GLY A 162 -6.68 -12.42 -55.49
CA GLY A 162 -6.40 -12.84 -56.87
C GLY A 162 -5.42 -11.93 -57.60
N TYR A 163 -5.47 -10.64 -57.30
CA TYR A 163 -4.58 -9.68 -57.97
C TYR A 163 -3.07 -9.89 -57.69
N PHE A 164 -2.75 -10.64 -56.65
CA PHE A 164 -1.36 -10.98 -56.36
C PHE A 164 -0.73 -11.77 -57.52
N ASN A 165 -1.57 -12.39 -58.36
CA ASN A 165 -1.07 -13.15 -59.51
C ASN A 165 -0.49 -12.31 -60.64
N GLN A 166 -0.86 -11.03 -60.69
CA GLN A 166 -0.37 -10.13 -61.72
C GLN A 166 0.85 -9.33 -61.27
N LYS A 167 1.13 -9.36 -59.97
CA LYS A 167 2.22 -8.56 -59.43
C LYS A 167 3.52 -9.34 -59.31
N THR A 168 4.62 -8.62 -59.42
CA THR A 168 5.91 -9.23 -59.26
C THR A 168 6.63 -8.60 -58.03
N PRO A 169 6.67 -9.33 -56.90
CA PRO A 169 7.21 -8.74 -55.66
C PRO A 169 8.74 -8.71 -55.64
N ARG A 170 9.35 -7.88 -54.81
CA ARG A 170 10.79 -7.96 -54.74
C ARG A 170 11.25 -9.01 -53.74
N THR A 171 12.45 -9.51 -53.95
CA THR A 171 13.06 -10.57 -53.15
C THR A 171 14.07 -10.00 -52.18
N ILE A 172 13.99 -10.44 -50.93
CA ILE A 172 14.99 -10.09 -49.92
C ILE A 172 15.47 -11.38 -49.29
N ASN A 173 16.62 -11.33 -48.64
CA ASN A 173 17.00 -12.39 -47.73
C ASN A 173 16.17 -12.28 -46.42
N ILE A 174 15.87 -13.44 -45.82
CA ILE A 174 15.00 -13.52 -44.67
C ILE A 174 15.52 -12.74 -43.44
N SER A 175 16.85 -12.58 -43.35
CA SER A 175 17.47 -11.81 -42.26
C SER A 175 17.06 -10.32 -42.33
N GLU A 176 16.51 -9.89 -43.46
CA GLU A 176 16.11 -8.49 -43.62
C GLU A 176 14.61 -8.28 -43.35
N LEU A 177 13.89 -9.35 -43.05
CA LEU A 177 12.43 -9.34 -43.06
C LEU A 177 11.83 -8.55 -41.89
N SER A 178 12.31 -8.79 -40.68
CA SER A 178 11.64 -8.17 -39.54
C SER A 178 11.76 -6.65 -39.61
N LYS A 179 12.86 -6.15 -40.17
CA LYS A 179 13.05 -4.71 -40.32
C LYS A 179 12.00 -4.17 -41.30
N ILE A 180 11.82 -4.84 -42.43
CA ILE A 180 10.89 -4.39 -43.46
C ILE A 180 9.48 -4.39 -42.90
N LEU A 181 9.13 -5.40 -42.12
CA LEU A 181 7.77 -5.47 -41.51
C LEU A 181 7.51 -4.32 -40.54
N VAL A 182 8.50 -4.00 -39.74
CA VAL A 182 8.41 -2.82 -38.84
C VAL A 182 8.21 -1.56 -39.66
N GLU A 183 8.99 -1.41 -40.74
CA GLU A 183 8.88 -0.18 -41.54
C GLU A 183 7.53 -0.16 -42.27
N ARG A 184 7.03 -1.31 -42.68
CA ARG A 184 5.70 -1.38 -43.31
C ARG A 184 4.57 -0.97 -42.35
N LEU A 185 4.62 -1.44 -41.11
CA LEU A 185 3.62 -1.07 -40.12
C LEU A 185 3.67 0.44 -39.85
N ASP A 186 4.87 0.99 -39.68
CA ASP A 186 5.01 2.45 -39.48
C ASP A 186 4.36 3.22 -40.65
N TYR A 187 4.64 2.81 -41.87
CA TYR A 187 4.04 3.44 -43.03
C TYR A 187 2.53 3.31 -43.03
N HIS A 188 2.03 2.13 -42.73
CA HIS A 188 0.57 1.90 -42.70
C HIS A 188 -0.09 2.83 -41.73
N VAL A 189 0.44 2.90 -40.52
CA VAL A 189 -0.04 3.86 -39.52
C VAL A 189 0.04 5.30 -40.03
N SER A 190 1.12 5.66 -40.72
CA SER A 190 1.23 7.04 -41.20
C SER A 190 0.28 7.37 -42.36
N GLN A 191 -0.14 6.35 -43.10
CA GLN A 191 -1.12 6.54 -44.16
C GLN A 191 -2.58 6.72 -43.70
N GLU A 192 -2.84 6.45 -42.42
CA GLU A 192 -4.20 6.38 -41.88
C GLU A 192 -4.38 7.48 -40.83
N ASN A 193 -5.62 7.90 -40.57
CA ASN A 193 -5.89 8.96 -39.56
C ASN A 193 -6.00 8.44 -38.12
N ASN A 194 -6.48 7.21 -37.97
CA ASN A 194 -6.75 6.63 -36.64
C ASN A 194 -5.59 5.79 -36.15
N ASP A 195 -4.46 6.45 -35.96
CA ASP A 195 -3.24 5.81 -35.52
C ASP A 195 -3.50 4.68 -34.51
N ASP A 196 -4.14 4.98 -33.37
CA ASP A 196 -4.06 4.04 -32.25
C ASP A 196 -4.84 2.76 -32.56
N GLN A 197 -6.02 2.94 -33.13
CA GLN A 197 -6.87 1.81 -33.42
C GLN A 197 -6.33 0.92 -34.54
N ILE A 198 -5.74 1.52 -35.56
CA ILE A 198 -5.19 0.72 -36.65
C ILE A 198 -4.04 -0.08 -36.11
N LEU A 199 -3.21 0.56 -35.29
CA LEU A 199 -2.08 -0.11 -34.68
C LEU A 199 -2.47 -1.31 -33.78
N SER A 200 -3.46 -1.13 -32.91
CA SER A 200 -3.86 -2.21 -32.02
CA SER A 200 -3.93 -2.18 -32.02
C SER A 200 -4.52 -3.35 -32.80
N THR A 201 -5.21 -3.02 -33.89
CA THR A 201 -5.85 -4.02 -34.71
C THR A 201 -4.83 -4.83 -35.48
N LEU A 202 -3.84 -4.15 -36.02
CA LEU A 202 -2.80 -4.79 -36.81
C LEU A 202 -1.82 -5.64 -36.01
N LEU A 203 -1.87 -5.50 -34.69
CA LEU A 203 -0.99 -6.25 -33.80
C LEU A 203 -1.73 -7.30 -32.95
N LEU A 204 -3.07 -7.30 -33.01
CA LEU A 204 -3.90 -8.17 -32.15
C LEU A 204 -3.37 -9.60 -32.06
N ASP A 205 -3.16 -10.24 -33.20
CA ASP A 205 -2.71 -11.63 -33.20
C ASP A 205 -1.19 -11.78 -33.35
N VAL A 206 -0.52 -10.71 -33.78
CA VAL A 206 0.96 -10.71 -33.88
C VAL A 206 1.59 -10.83 -32.48
N LEU A 207 1.06 -10.08 -31.54
CA LEU A 207 1.67 -10.01 -30.21
C LEU A 207 1.75 -11.35 -29.47
N PRO A 208 0.61 -12.09 -29.36
CA PRO A 208 0.68 -13.42 -28.74
C PRO A 208 1.60 -14.38 -29.49
N ARG A 209 1.67 -14.28 -30.81
CA ARG A 209 2.66 -15.10 -31.55
C ARG A 209 4.06 -14.68 -31.24
N SER A 210 4.28 -13.37 -31.12
CA SER A 210 5.60 -12.87 -30.76
C SER A 210 5.96 -13.42 -29.37
N ALA A 211 5.03 -13.32 -28.41
CA ALA A 211 5.27 -13.78 -27.05
C ALA A 211 5.60 -15.29 -27.07
N LYS A 212 4.88 -16.04 -27.91
CA LYS A 212 5.14 -17.48 -28.00
C LYS A 212 6.51 -17.74 -28.58
N GLY A 213 6.89 -17.00 -29.62
CA GLY A 213 8.21 -17.14 -30.21
C GLY A 213 9.28 -16.85 -29.17
N ALA A 214 9.07 -15.82 -28.36
CA ALA A 214 10.05 -15.49 -27.34
C ALA A 214 10.15 -16.59 -26.27
N ALA A 215 9.03 -17.25 -25.92
CA ALA A 215 9.05 -18.32 -24.92
C ALA A 215 9.79 -19.56 -25.40
N ARG A 216 9.91 -19.71 -26.73
CA ARG A 216 10.68 -20.78 -27.35
C ARG A 216 12.18 -20.53 -27.29
N GLU A 217 12.60 -19.29 -27.06
CA GLU A 217 14.03 -18.95 -27.09
C GLU A 217 14.83 -19.71 -25.99
N PRO A 218 15.73 -20.65 -26.37
CA PRO A 218 16.28 -21.56 -25.34
C PRO A 218 16.99 -20.79 -24.24
N LEU A 219 16.59 -21.06 -23.00
CA LEU A 219 17.28 -20.50 -21.83
C LEU A 219 17.12 -18.98 -21.66
N GLY A 220 16.17 -18.39 -22.37
CA GLY A 220 15.90 -16.97 -22.15
C GLY A 220 16.26 -16.07 -23.32
N VAL A 221 15.60 -14.94 -23.37
CA VAL A 221 15.81 -13.95 -24.40
C VAL A 221 17.12 -13.20 -24.13
N SER A 222 17.79 -12.79 -25.19
CA SER A 222 19.03 -12.02 -25.06
C SER A 222 18.79 -10.61 -24.56
N ALA A 223 19.69 -10.09 -23.73
CA ALA A 223 19.61 -8.66 -23.40
C ALA A 223 20.86 -7.95 -23.94
N SER A 224 20.61 -7.04 -24.89
CA SER A 224 21.66 -6.23 -25.51
C SER A 224 22.87 -7.08 -25.90
N GLY A 225 22.62 -8.07 -26.76
CA GLY A 225 23.66 -8.98 -27.26
C GLY A 225 24.22 -10.05 -26.32
N ILE A 226 23.83 -10.02 -25.04
CA ILE A 226 24.20 -11.07 -24.10
C ILE A 226 23.08 -12.13 -24.01
N PRO A 227 23.40 -13.39 -24.39
CA PRO A 227 22.39 -14.45 -24.46
C PRO A 227 21.89 -14.93 -23.10
N PHE A 228 20.71 -15.53 -23.07
CA PHE A 228 20.13 -16.21 -21.91
C PHE A 228 19.87 -15.33 -20.70
N GLN A 229 19.43 -14.11 -20.92
CA GLN A 229 19.30 -13.14 -19.84
C GLN A 229 17.87 -12.99 -19.30
N LEU A 230 16.88 -13.16 -20.16
CA LEU A 230 15.56 -12.78 -19.77
C LEU A 230 14.59 -13.95 -19.89
N GLU A 231 14.26 -14.56 -18.76
CA GLU A 231 13.33 -15.69 -18.73
C GLU A 231 11.93 -15.23 -19.11
N PHE A 232 11.23 -16.04 -19.88
CA PHE A 232 9.87 -15.74 -20.25
C PHE A 232 9.10 -17.00 -20.64
N THR A 233 7.88 -17.13 -20.14
CA THR A 233 6.99 -18.21 -20.54
C THR A 233 5.68 -17.63 -21.06
N PHE A 234 4.99 -18.41 -21.88
CA PHE A 234 3.70 -18.08 -22.45
C PHE A 234 2.52 -18.47 -21.54
N GLU A 235 2.77 -19.26 -20.51
CA GLU A 235 1.70 -19.74 -19.64
C GLU A 235 0.90 -18.60 -19.02
N GLY A 236 -0.43 -18.76 -19.02
CA GLY A 236 -1.35 -17.82 -18.41
C GLY A 236 -1.93 -16.77 -19.35
N PHE A 237 -1.51 -16.80 -20.63
CA PHE A 237 -2.04 -15.87 -21.63
C PHE A 237 -3.51 -16.18 -21.92
N THR A 238 -4.34 -15.14 -21.98
CA THR A 238 -5.74 -15.31 -22.37
C THR A 238 -5.86 -15.12 -23.89
N SER A 239 -7.10 -15.04 -24.42
CA SER A 239 -7.32 -14.77 -25.84
C SER A 239 -6.62 -13.46 -26.31
N PRO A 240 -6.29 -13.36 -27.62
CA PRO A 240 -5.68 -12.12 -28.10
C PRO A 240 -6.44 -10.87 -27.66
N THR A 241 -7.76 -10.85 -27.81
CA THR A 241 -8.59 -9.68 -27.46
C THR A 241 -8.56 -9.41 -25.96
N ASP A 242 -8.63 -10.45 -25.14
CA ASP A 242 -8.61 -10.28 -23.70
C ASP A 242 -7.27 -9.72 -23.22
N GLU A 243 -6.18 -10.17 -23.83
CA GLU A 243 -4.85 -9.60 -23.50
C GLU A 243 -4.81 -8.10 -23.80
N LEU A 244 -5.42 -7.66 -24.90
CA LEU A 244 -5.47 -6.21 -25.17
C LEU A 244 -6.39 -5.51 -24.20
N ARG A 245 -7.50 -6.15 -23.86
CA ARG A 245 -8.41 -5.57 -22.88
C ARG A 245 -7.72 -5.40 -21.52
N ALA A 246 -6.82 -6.32 -21.19
CA ALA A 246 -6.16 -6.34 -19.87
C ALA A 246 -4.74 -5.75 -19.87
N ILE A 247 -4.40 -5.02 -20.94
CA ILE A 247 -3.05 -4.43 -21.10
C ILE A 247 -2.56 -3.58 -19.92
N GLN A 248 -3.46 -2.87 -19.25
CA GLN A 248 -3.08 -2.08 -18.06
C GLN A 248 -3.51 -2.76 -16.74
N SER A 249 -3.78 -4.06 -16.78
CA SER A 249 -4.23 -4.76 -15.57
C SER A 249 -3.01 -5.15 -14.73
N PRO A 250 -3.22 -5.41 -13.43
CA PRO A 250 -2.07 -5.64 -12.54
C PRO A 250 -1.14 -6.81 -12.94
N PHE A 251 -1.70 -7.91 -13.47
CA PHE A 251 -0.87 -9.09 -13.80
C PHE A 251 -0.84 -9.33 -15.32
N SER A 252 -1.15 -8.31 -16.11
CA SER A 252 -1.18 -8.45 -17.58
C SER A 252 0.02 -9.24 -18.13
N HIS A 253 -0.25 -10.32 -18.88
CA HIS A 253 0.82 -11.14 -19.43
C HIS A 253 1.48 -10.44 -20.58
N LEU A 254 0.66 -9.75 -21.36
CA LEU A 254 1.17 -8.96 -22.47
C LEU A 254 1.99 -7.76 -21.96
N ALA A 255 1.54 -7.07 -20.91
CA ALA A 255 2.41 -6.03 -20.32
C ALA A 255 3.78 -6.62 -19.87
N LYS A 256 3.75 -7.81 -19.31
CA LYS A 256 5.03 -8.49 -18.96
C LYS A 256 5.89 -8.68 -20.22
N TYR A 257 5.28 -9.08 -21.33
CA TYR A 257 6.05 -9.27 -22.56
C TYR A 257 6.63 -7.94 -23.09
N PHE A 258 5.80 -6.90 -23.12
CA PHE A 258 6.32 -5.60 -23.50
C PHE A 258 7.45 -5.16 -22.59
N ASP A 259 7.32 -5.37 -21.28
CA ASP A 259 8.38 -5.00 -20.33
C ASP A 259 9.68 -5.75 -20.68
N LEU A 260 9.55 -7.02 -21.01
CA LEU A 260 10.71 -7.83 -21.38
C LEU A 260 11.40 -7.29 -22.64
N LEU A 261 10.61 -6.92 -23.64
CA LEU A 261 11.18 -6.36 -24.88
C LEU A 261 11.93 -5.06 -24.62
N VAL A 262 11.41 -4.23 -23.71
CA VAL A 262 12.15 -3.03 -23.30
C VAL A 262 13.45 -3.44 -22.60
N ALA A 263 13.38 -4.37 -21.66
CA ALA A 263 14.61 -4.83 -20.97
C ALA A 263 15.60 -5.43 -21.93
N SER A 264 15.13 -6.05 -23.01
CA SER A 264 16.06 -6.68 -23.95
C SER A 264 16.94 -5.65 -24.64
N THR A 265 16.45 -4.44 -24.83
CA THR A 265 17.23 -3.42 -25.54
C THR A 265 17.75 -2.32 -24.59
N ASN A 266 17.62 -2.53 -23.28
CA ASN A 266 18.27 -1.75 -22.21
C ASN A 266 17.38 -1.35 -21.03
N GLY A 267 17.75 -1.76 -19.81
CA GLY A 267 18.95 -2.58 -19.56
C GLY A 267 20.14 -1.79 -19.04
N VAL A 273 14.05 1.31 -7.69
CA VAL A 273 13.79 2.73 -7.36
C VAL A 273 12.69 2.88 -6.32
N GLU A 274 12.99 3.63 -5.25
CA GLU A 274 12.07 3.81 -4.13
C GLU A 274 11.87 5.28 -3.77
N TYR A 275 10.64 5.66 -3.42
CA TYR A 275 10.29 7.06 -3.25
C TYR A 275 10.32 7.58 -1.80
N SER A 276 10.63 8.87 -1.65
CA SER A 276 10.42 9.58 -0.39
C SER A 276 9.15 10.42 -0.49
N GLN A 277 8.68 10.90 0.66
CA GLN A 277 7.42 11.64 0.74
C GLN A 277 7.39 12.94 -0.07
N GLU A 278 8.50 13.67 -0.12
CA GLU A 278 8.52 14.92 -0.91
C GLU A 278 8.43 14.64 -2.41
N GLN A 279 9.23 13.68 -2.88
CA GLN A 279 9.20 13.20 -4.28
C GLN A 279 7.80 12.73 -4.67
N ALA A 280 7.19 11.87 -3.84
CA ALA A 280 5.82 11.40 -4.07
C ALA A 280 4.82 12.56 -4.17
N GLU A 281 4.71 13.35 -3.11
CA GLU A 281 3.75 14.45 -3.06
C GLU A 281 4.10 15.52 -4.13
N ASN A 282 5.36 15.58 -4.56
CA ASN A 282 5.75 16.37 -5.73
C ASN A 282 5.29 15.75 -7.06
N ILE A 283 5.35 14.42 -7.15
CA ILE A 283 4.87 13.71 -8.32
C ILE A 283 3.34 13.91 -8.43
N GLY A 284 2.64 13.83 -7.29
CA GLY A 284 1.19 13.98 -7.25
C GLY A 284 0.49 13.03 -8.22
N ALA A 285 0.76 11.74 -8.06
CA ALA A 285 0.26 10.74 -9.02
C ALA A 285 -1.25 10.51 -8.95
N TRP A 286 -1.82 10.65 -7.74
CA TRP A 286 -3.19 10.20 -7.45
C TRP A 286 -4.12 11.29 -6.98
N ILE A 287 -5.36 11.24 -7.46
CA ILE A 287 -6.41 12.18 -7.08
C ILE A 287 -7.42 11.41 -6.24
N ASP A 288 -7.65 11.86 -5.02
CA ASP A 288 -8.68 11.29 -4.15
C ASP A 288 -10.04 11.22 -4.81
N SER A 289 -10.78 10.14 -4.54
CA SER A 289 -12.19 10.11 -4.84
C SER A 289 -12.96 11.04 -3.87
N GLY A 290 -12.46 11.16 -2.65
CA GLY A 290 -13.17 11.83 -1.58
C GLY A 290 -14.08 10.91 -0.76
N THR A 291 -14.20 9.64 -1.16
CA THR A 291 -15.03 8.66 -0.42
C THR A 291 -14.23 7.41 0.01
N GLN A 292 -14.59 6.76 1.11
CA GLN A 292 -13.75 5.69 1.69
C GLN A 292 -14.56 4.62 2.39
N LEU A 293 -14.02 3.40 2.52
CA LEU A 293 -14.68 2.35 3.30
C LEU A 293 -13.77 1.84 4.41
N LEU A 294 -14.15 2.13 5.66
CA LEU A 294 -13.37 1.73 6.82
C LEU A 294 -13.87 0.38 7.30
N MET A 295 -12.97 -0.58 7.50
CA MET A 295 -13.38 -1.91 7.91
C MET A 295 -12.44 -2.45 8.99
N SER A 296 -12.87 -3.51 9.65
CA SER A 296 -12.06 -4.19 10.64
C SER A 296 -11.17 -5.22 9.94
N ALA A 297 -9.91 -5.28 10.31
CA ALA A 297 -9.01 -6.30 9.76
C ALA A 297 -8.89 -7.52 10.70
N SER A 298 -9.67 -7.54 11.77
CA SER A 298 -9.59 -8.62 12.76
C SER A 298 -10.91 -9.37 12.88
N GLY A 299 -10.86 -10.52 13.53
CA GLY A 299 -12.02 -11.40 13.64
C GLY A 299 -11.95 -12.41 12.52
N ILE A 300 -12.63 -13.54 12.67
CA ILE A 300 -12.63 -14.56 11.61
C ILE A 300 -13.43 -14.02 10.43
N GLY A 301 -12.97 -14.36 9.22
CA GLY A 301 -13.60 -13.89 8.00
C GLY A 301 -13.45 -12.40 7.73
N ALA A 302 -12.47 -11.78 8.36
CA ALA A 302 -12.18 -10.37 8.11
C ALA A 302 -11.74 -10.18 6.66
N ALA A 303 -10.86 -11.07 6.20
CA ALA A 303 -10.33 -11.03 4.84
C ALA A 303 -11.44 -11.12 3.77
N VAL A 304 -12.35 -12.06 3.93
CA VAL A 304 -13.52 -12.13 3.07
C VAL A 304 -14.29 -10.79 3.05
N SER A 305 -14.52 -10.18 4.20
CA SER A 305 -15.21 -8.88 4.24
C SER A 305 -14.43 -7.78 3.53
N VAL A 306 -13.12 -7.76 3.73
CA VAL A 306 -12.28 -6.77 3.06
C VAL A 306 -12.33 -6.90 1.54
N ILE A 307 -12.16 -8.13 1.04
CA ILE A 307 -12.26 -8.40 -0.40
C ILE A 307 -13.60 -7.93 -0.95
N GLN A 308 -14.68 -8.33 -0.31
CA GLN A 308 -16.03 -7.97 -0.79
C GLN A 308 -16.26 -6.46 -0.71
N GLY A 309 -15.93 -5.86 0.44
CA GLY A 309 -15.97 -4.42 0.57
C GLY A 309 -15.22 -3.67 -0.52
N ALA A 310 -14.01 -4.14 -0.84
CA ALA A 310 -13.18 -3.47 -1.86
C ALA A 310 -13.73 -3.66 -3.28
N ALA A 311 -14.22 -4.86 -3.58
CA ALA A 311 -14.83 -5.12 -4.89
C ALA A 311 -16.10 -4.29 -5.00
N GLY A 312 -16.84 -4.23 -3.88
CA GLY A 312 -18.06 -3.42 -3.78
C GLY A 312 -17.80 -1.94 -4.03
N LEU A 313 -16.74 -1.43 -3.42
CA LEU A 313 -16.37 -0.03 -3.61
C LEU A 313 -16.04 0.27 -5.07
N THR A 314 -15.31 -0.62 -5.71
CA THR A 314 -14.95 -0.41 -7.13
C THR A 314 -16.20 -0.45 -8.02
N ALA A 315 -17.10 -1.41 -7.74
CA ALA A 315 -18.33 -1.58 -8.53
C ALA A 315 -19.18 -0.31 -8.42
N ASP A 316 -19.33 0.22 -7.20
CA ASP A 316 -20.17 1.42 -7.02
C ASP A 316 -19.62 2.63 -7.77
N ALA A 317 -18.29 2.77 -7.81
CA ALA A 317 -17.69 3.91 -8.49
C ALA A 317 -17.93 3.89 -9.99
N ILE A 318 -17.92 2.69 -10.57
CA ILE A 318 -18.20 2.51 -12.01
C ILE A 318 -19.66 2.82 -12.36
N GLU A 319 -20.58 2.39 -11.50
CA GLU A 319 -22.01 2.65 -11.70
C GLU A 319 -22.36 4.13 -11.55
N GLY A 320 -21.89 4.73 -10.46
CA GLY A 320 -22.09 6.16 -10.21
C GLY A 320 -21.36 7.09 -11.16
N LYS A 321 -20.68 6.52 -12.16
CA LYS A 321 -19.96 7.30 -13.18
C LYS A 321 -18.93 8.30 -12.63
N GLU A 322 -18.49 8.05 -11.40
CA GLU A 322 -17.33 8.75 -10.85
C GLU A 322 -16.06 8.30 -11.61
N ILE A 323 -16.10 7.06 -12.10
CA ILE A 323 -14.99 6.40 -12.74
C ILE A 323 -15.48 5.76 -14.03
N ASP A 324 -14.71 5.89 -15.12
CA ASP A 324 -14.98 5.18 -16.39
C ASP A 324 -14.24 3.85 -16.50
N PRO A 325 -14.83 2.84 -17.17
CA PRO A 325 -14.22 1.51 -17.27
C PRO A 325 -12.73 1.52 -17.59
N LEU A 326 -12.29 2.41 -18.48
CA LEU A 326 -10.90 2.43 -18.93
C LEU A 326 -9.94 3.35 -18.15
N ASP A 327 -10.49 4.15 -17.24
CA ASP A 327 -9.69 4.99 -16.34
C ASP A 327 -8.79 4.15 -15.47
N VAL A 328 -7.54 4.57 -15.32
CA VAL A 328 -6.61 3.92 -14.42
C VAL A 328 -6.87 4.39 -13.00
N ILE A 329 -7.03 3.45 -12.08
CA ILE A 329 -7.32 3.77 -10.71
C ILE A 329 -6.35 3.03 -9.79
N SER A 330 -6.17 3.57 -8.59
CA SER A 330 -5.43 2.89 -7.56
C SER A 330 -6.47 2.55 -6.51
N LEU A 331 -6.68 1.26 -6.29
CA LEU A 331 -7.47 0.85 -5.15
C LEU A 331 -6.49 0.63 -3.99
N SER A 332 -6.52 1.55 -3.03
CA SER A 332 -5.63 1.50 -1.88
C SER A 332 -6.28 0.71 -0.77
N LEU A 333 -5.54 -0.25 -0.21
CA LEU A 333 -5.97 -0.93 0.99
C LEU A 333 -4.91 -0.58 2.00
N ALA A 334 -5.28 0.30 2.92
CA ALA A 334 -4.33 0.89 3.85
C ALA A 334 -4.71 0.49 5.25
N ALA A 335 -3.75 -0.07 5.98
CA ALA A 335 -3.93 -0.34 7.39
C ALA A 335 -4.15 0.98 8.13
N ILE A 336 -4.90 0.88 9.22
CA ILE A 336 -5.28 2.03 10.05
C ILE A 336 -5.03 1.63 11.52
N PRO A 337 -4.45 2.54 12.34
CA PRO A 337 -4.18 2.19 13.74
C PRO A 337 -5.40 1.57 14.43
N GLY A 338 -5.18 0.46 15.11
CA GLY A 338 -6.24 -0.21 15.83
C GLY A 338 -6.75 -1.44 15.13
N GLY A 339 -5.96 -1.98 14.20
CA GLY A 339 -6.36 -3.19 13.49
C GLY A 339 -7.45 -2.99 12.46
N LYS A 340 -7.52 -1.79 11.89
CA LYS A 340 -8.47 -1.51 10.82
C LYS A 340 -7.78 -1.41 9.46
N ILE A 341 -8.59 -1.43 8.40
CA ILE A 341 -8.12 -1.21 7.03
C ILE A 341 -9.11 -0.29 6.33
N VAL A 342 -8.61 0.72 5.64
CA VAL A 342 -9.46 1.56 4.80
C VAL A 342 -9.26 1.18 3.34
N ALA A 343 -10.36 1.02 2.60
CA ALA A 343 -10.31 0.94 1.14
C ALA A 343 -10.68 2.31 0.62
N LYS A 344 -9.91 2.76 -0.39
CA LYS A 344 -10.12 4.05 -0.98
C LYS A 344 -9.60 4.03 -2.41
N LEU A 345 -10.39 4.56 -3.34
CA LEU A 345 -10.03 4.61 -4.76
C LEU A 345 -9.45 5.98 -5.07
N SER A 346 -8.45 6.00 -5.94
CA SER A 346 -7.91 7.24 -6.48
C SER A 346 -7.89 7.07 -7.98
N LYS A 347 -8.12 8.17 -8.69
CA LYS A 347 -7.98 8.21 -10.12
C LYS A 347 -6.59 8.79 -10.38
N VAL A 348 -5.97 8.37 -11.47
CA VAL A 348 -4.64 8.83 -11.81
C VAL A 348 -4.71 10.28 -12.25
N SER A 349 -3.73 11.08 -11.84
CA SER A 349 -3.68 12.43 -12.34
C SER A 349 -3.26 12.40 -13.81
N LYS A 350 -4.07 13.00 -14.68
CA LYS A 350 -3.70 13.19 -16.09
C LYS A 350 -2.43 14.02 -16.27
N ASN A 351 -2.12 14.85 -15.27
CA ASN A 351 -0.83 15.54 -15.16
C ASN A 351 0.43 14.64 -15.01
N LEU A 352 0.23 13.38 -14.60
CA LEU A 352 1.34 12.47 -14.31
C LEU A 352 2.18 12.12 -15.54
N GLY A 353 1.52 11.88 -16.67
CA GLY A 353 2.15 11.33 -17.88
C GLY A 353 1.35 10.14 -18.38
N GLN A 354 1.94 9.32 -19.25
CA GLN A 354 1.31 8.08 -19.68
C GLN A 354 1.43 7.00 -18.61
N VAL A 355 0.32 6.35 -18.28
CA VAL A 355 0.41 5.12 -17.51
C VAL A 355 0.87 4.02 -18.47
N VAL A 356 1.96 3.35 -18.11
CA VAL A 356 2.53 2.29 -18.95
C VAL A 356 1.86 0.94 -18.63
N ARG A 357 1.80 0.57 -17.36
CA ARG A 357 1.23 -0.70 -16.96
C ARG A 357 0.65 -0.58 -15.56
N GLY A 358 -0.38 -1.38 -15.29
CA GLY A 358 -0.86 -1.53 -13.92
C GLY A 358 0.07 -2.40 -13.07
N GLY A 359 -0.31 -2.67 -11.83
CA GLY A 359 0.49 -3.50 -10.95
C GLY A 359 0.09 -3.40 -9.50
N ILE A 360 1.01 -3.81 -8.64
CA ILE A 360 0.79 -3.79 -7.20
C ILE A 360 1.89 -2.93 -6.61
N SER A 361 1.51 -1.94 -5.80
CA SER A 361 2.49 -1.16 -5.06
C SER A 361 2.38 -1.53 -3.59
N ILE A 362 3.52 -1.65 -2.93
CA ILE A 362 3.55 -2.02 -1.52
C ILE A 362 4.07 -0.80 -0.76
N ALA A 363 3.26 -0.30 0.18
CA ALA A 363 3.64 0.80 1.01
C ALA A 363 3.98 0.24 2.39
N GLU A 364 4.53 1.07 3.28
CA GLU A 364 4.76 0.64 4.66
C GLU A 364 3.41 0.37 5.36
N THR A 365 2.35 0.97 4.84
CA THR A 365 1.03 0.93 5.46
C THR A 365 0.03 0.02 4.76
N GLY A 366 0.41 -0.62 3.65
CA GLY A 366 -0.57 -1.38 2.89
C GLY A 366 -0.21 -1.64 1.43
N VAL A 367 -1.23 -1.91 0.61
CA VAL A 367 -1.00 -2.15 -0.80
C VAL A 367 -1.95 -1.34 -1.66
N ASP A 368 -1.50 -1.00 -2.87
CA ASP A 368 -2.37 -0.41 -3.86
C ASP A 368 -2.48 -1.37 -5.04
N ILE A 369 -3.70 -1.59 -5.52
CA ILE A 369 -3.95 -2.40 -6.71
C ILE A 369 -4.27 -1.43 -7.84
N VAL A 370 -3.40 -1.39 -8.85
CA VAL A 370 -3.48 -0.37 -9.93
C VAL A 370 -3.76 -1.01 -11.30
N GLY A 371 -4.80 -0.54 -11.97
CA GLY A 371 -5.15 -0.95 -13.33
C GLY A 371 -6.38 -0.18 -13.73
N SER A 372 -6.98 -0.51 -14.88
CA SER A 372 -8.22 0.17 -15.23
C SER A 372 -9.31 -0.29 -14.28
N SER A 373 -10.33 0.55 -14.05
CA SER A 373 -11.40 0.13 -13.15
C SER A 373 -12.03 -1.19 -13.60
N ARG A 374 -12.22 -1.36 -14.91
CA ARG A 374 -12.74 -2.62 -15.43
C ARG A 374 -11.83 -3.80 -15.10
N ASP A 375 -10.50 -3.61 -15.17
CA ASP A 375 -9.54 -4.66 -14.82
C ASP A 375 -9.68 -5.07 -13.36
N LEU A 376 -9.92 -4.08 -12.47
CA LEU A 376 -10.11 -4.40 -11.07
C LEU A 376 -11.39 -5.23 -10.83
N ILE A 377 -12.50 -4.87 -11.50
CA ILE A 377 -13.75 -5.64 -11.36
C ILE A 377 -13.49 -7.07 -11.84
N GLU A 378 -12.91 -7.20 -13.02
CA GLU A 378 -12.64 -8.53 -13.58
C GLU A 378 -11.69 -9.31 -12.68
N GLY A 379 -10.67 -8.64 -12.15
CA GLY A 379 -9.73 -9.29 -11.23
C GLY A 379 -10.40 -9.80 -9.95
N PHE A 380 -11.35 -9.03 -9.43
CA PHE A 380 -12.10 -9.48 -8.26
C PHE A 380 -12.99 -10.68 -8.58
N LYS A 381 -13.69 -10.61 -9.70
CA LYS A 381 -14.48 -11.75 -10.21
C LYS A 381 -13.64 -13.04 -10.30
N LYS A 382 -12.38 -12.92 -10.69
CA LYS A 382 -11.53 -14.10 -10.87
C LYS A 382 -10.80 -14.52 -9.58
N GLY A 383 -10.88 -13.71 -8.54
CA GLY A 383 -10.15 -13.97 -7.30
C GLY A 383 -8.67 -13.63 -7.38
N ASN A 384 -8.28 -12.83 -8.38
CA ASN A 384 -6.86 -12.46 -8.60
C ASN A 384 -6.17 -11.68 -7.50
N PHE A 385 -6.94 -11.06 -6.61
CA PHE A 385 -6.37 -10.20 -5.57
C PHE A 385 -6.43 -10.85 -4.20
N THR A 386 -6.86 -12.10 -4.15
CA THR A 386 -7.16 -12.77 -2.86
C THR A 386 -5.92 -13.11 -2.01
N ASP A 387 -4.86 -13.61 -2.63
CA ASP A 387 -3.63 -13.88 -1.86
C ASP A 387 -3.07 -12.56 -1.31
N ILE A 388 -3.15 -11.51 -2.10
CA ILE A 388 -2.64 -10.20 -1.68
C ILE A 388 -3.44 -9.66 -0.51
N ILE A 389 -4.76 -9.70 -0.64
CA ILE A 389 -5.60 -9.12 0.40
C ILE A 389 -5.61 -9.97 1.68
N ASN A 390 -5.60 -11.30 1.54
CA ASN A 390 -5.40 -12.20 2.71
C ASN A 390 -4.09 -11.87 3.43
N GLY A 391 -3.00 -11.76 2.69
CA GLY A 391 -1.71 -11.43 3.29
C GLY A 391 -1.76 -10.12 4.07
N LEU A 392 -2.27 -9.08 3.43
CA LEU A 392 -2.34 -7.77 4.07
C LEU A 392 -3.20 -7.79 5.33
N VAL A 393 -4.39 -8.38 5.23
CA VAL A 393 -5.30 -8.45 6.35
C VAL A 393 -4.64 -9.19 7.53
N SER A 394 -3.95 -10.29 7.25
CA SER A 394 -3.31 -11.04 8.33
C SER A 394 -2.28 -10.22 9.10
N VAL A 395 -1.59 -9.29 8.42
CA VAL A 395 -0.62 -8.45 9.14
C VAL A 395 -1.20 -7.12 9.65
N ALA A 396 -2.29 -6.65 9.04
CA ALA A 396 -2.99 -5.46 9.58
C ALA A 396 -3.88 -5.82 10.77
N SER A 397 -4.24 -7.09 10.81
CA SER A 397 -5.16 -7.70 11.77
C SER A 397 -5.26 -7.06 13.16
N SER A 398 -4.12 -6.86 13.79
CA SER A 398 -4.13 -6.35 15.14
C SER A 398 -2.93 -5.41 15.33
N SER A 399 -2.70 -4.57 14.33
CA SER A 399 -1.64 -3.56 14.34
C SER A 399 -2.05 -2.30 15.11
N ALA A 400 -1.30 -2.00 16.17
CA ALA A 400 -1.46 -0.74 16.90
C ALA A 400 -1.23 0.48 16.00
N SER A 401 -0.22 0.39 15.14
CA SER A 401 0.27 1.54 14.37
C SER A 401 -0.38 1.70 12.98
N GLY A 402 -1.00 0.65 12.47
CA GLY A 402 -1.50 0.63 11.08
C GLY A 402 -0.30 0.66 10.12
N ARG A 403 0.81 0.11 10.57
CA ARG A 403 2.06 0.23 9.82
C ARG A 403 2.87 -1.05 9.95
N PRO A 404 2.41 -2.12 9.30
CA PRO A 404 3.11 -3.37 9.44
C PRO A 404 4.52 -3.32 8.82
N GLY A 405 4.74 -2.41 7.87
CA GLY A 405 6.05 -2.29 7.22
C GLY A 405 6.08 -3.08 5.92
N LYS A 406 6.91 -2.62 4.98
CA LYS A 406 7.00 -3.18 3.61
C LYS A 406 7.40 -4.65 3.59
N SER A 407 8.36 -4.99 4.43
CA SER A 407 8.87 -6.34 4.51
C SER A 407 7.82 -7.36 5.00
N LYS A 408 7.13 -7.07 6.11
CA LYS A 408 6.02 -7.92 6.57
C LYS A 408 4.90 -8.05 5.52
N ILE A 409 4.54 -6.94 4.89
CA ILE A 409 3.50 -7.02 3.87
C ILE A 409 3.97 -7.89 2.70
N GLY A 410 5.17 -7.62 2.19
CA GLY A 410 5.71 -8.41 1.09
C GLY A 410 5.75 -9.91 1.38
N ASN A 411 6.21 -10.26 2.58
CA ASN A 411 6.27 -11.66 3.05
C ASN A 411 4.89 -12.30 3.17
N ALA A 412 3.89 -11.55 3.62
CA ALA A 412 2.56 -12.10 3.76
C ALA A 412 1.93 -12.36 2.39
N ILE A 413 2.28 -11.54 1.40
CA ILE A 413 1.84 -11.74 0.03
C ILE A 413 2.44 -13.03 -0.57
N LYS A 414 3.74 -13.20 -0.38
CA LYS A 414 4.49 -14.35 -0.90
C LYS A 414 4.22 -15.64 -0.14
N LYS A 415 3.54 -15.54 1.01
CA LYS A 415 3.21 -16.72 1.80
C LYS A 415 2.22 -17.62 1.08
N GLY A 416 1.22 -17.01 0.43
CA GLY A 416 0.22 -17.74 -0.35
C GLY A 416 0.72 -18.28 -1.69
N ASN A 417 2.06 -18.39 -1.81
CA ASN A 417 2.77 -18.91 -3.00
C ASN A 417 4.27 -19.10 -2.74
N PRO A 418 4.67 -20.31 -2.28
CA PRO A 418 5.98 -20.58 -1.66
C PRO A 418 6.92 -19.37 -1.46
N ASP A 419 7.79 -19.10 -2.43
CA ASP A 419 8.71 -17.97 -2.35
C ASP A 419 9.01 -17.34 -3.73
N ALA A 420 8.00 -16.66 -4.28
CA ALA A 420 8.08 -16.04 -5.61
C ALA A 420 8.66 -14.61 -5.55
N PRO A 421 8.70 -13.89 -6.68
CA PRO A 421 9.12 -12.51 -6.58
C PRO A 421 7.97 -11.66 -6.05
N LEU A 422 8.26 -10.42 -5.69
CA LEU A 422 7.20 -9.49 -5.35
C LEU A 422 6.43 -9.16 -6.65
N PRO A 423 5.10 -8.95 -6.56
CA PRO A 423 4.37 -8.56 -7.77
C PRO A 423 4.97 -7.33 -8.45
N THR A 424 4.92 -7.30 -9.78
CA THR A 424 5.41 -6.15 -10.56
C THR A 424 4.61 -4.87 -10.25
N ARG A 425 5.33 -3.78 -10.05
CA ARG A 425 4.77 -2.45 -9.74
C ARG A 425 4.22 -1.76 -10.98
N PRO A 426 3.21 -0.91 -10.82
CA PRO A 426 2.72 -0.12 -11.95
C PRO A 426 3.79 0.90 -12.34
N THR A 427 3.81 1.30 -13.60
CA THR A 427 4.80 2.26 -14.06
C THR A 427 4.14 3.36 -14.91
N TYR A 428 4.84 4.48 -15.04
CA TYR A 428 4.38 5.58 -15.89
C TYR A 428 5.58 6.16 -16.62
N ARG A 429 5.28 6.91 -17.68
CA ARG A 429 6.32 7.56 -18.44
C ARG A 429 6.16 9.05 -18.21
N ASN A 430 7.19 9.68 -17.65
CA ASN A 430 7.17 11.11 -17.40
C ASN A 430 7.34 11.91 -18.69
N HIS A 431 7.37 13.23 -18.54
CA HIS A 431 7.37 14.13 -19.70
C HIS A 431 8.56 13.94 -20.61
N GLU A 432 9.69 13.49 -20.05
CA GLU A 432 10.93 13.32 -20.83
C GLU A 432 11.16 11.88 -21.28
N GLY A 433 10.13 11.04 -21.18
CA GLY A 433 10.20 9.68 -21.69
C GLY A 433 10.78 8.61 -20.77
N GLU A 434 11.08 8.97 -19.52
CA GLU A 434 11.61 8.00 -18.55
C GLU A 434 10.48 7.15 -17.94
N VAL A 435 10.62 5.84 -17.98
CA VAL A 435 9.64 4.95 -17.37
C VAL A 435 10.02 4.74 -15.90
N ARG A 436 9.10 5.03 -14.98
CA ARG A 436 9.34 4.91 -13.53
CA ARG A 436 9.37 4.83 -13.55
C ARG A 436 8.16 4.23 -12.85
N PRO A 437 8.40 3.52 -11.73
CA PRO A 437 7.25 3.04 -11.00
C PRO A 437 6.35 4.18 -10.47
N ILE A 438 5.04 3.95 -10.45
CA ILE A 438 4.13 4.92 -9.85
C ILE A 438 4.25 4.88 -8.32
N PRO A 439 4.43 6.06 -7.69
CA PRO A 439 4.45 6.13 -6.23
C PRO A 439 3.14 5.64 -5.62
N THR A 440 3.19 5.22 -4.38
CA THR A 440 1.99 4.82 -3.67
C THR A 440 1.07 6.02 -3.44
N ALA A 441 -0.23 5.76 -3.43
CA ALA A 441 -1.18 6.77 -3.06
C ALA A 441 -1.20 6.96 -1.54
N GLN A 442 -0.67 6.01 -0.78
CA GLN A 442 -0.73 6.05 0.70
C GLN A 442 0.31 7.02 1.29
N THR A 443 0.11 8.30 1.01
CA THR A 443 1.01 9.34 1.46
C THR A 443 0.59 9.84 2.85
N LYS A 444 1.41 10.75 3.38
CA LYS A 444 1.10 11.49 4.60
C LYS A 444 -0.28 12.12 4.52
N SER A 445 -0.56 12.88 3.46
CA SER A 445 -1.81 13.61 3.42
C SER A 445 -3.02 12.68 3.24
N PHE A 446 -2.83 11.59 2.50
CA PHE A 446 -3.85 10.55 2.33
C PHE A 446 -4.42 10.13 3.69
N PHE A 447 -3.54 9.83 4.64
CA PHE A 447 -3.98 9.46 5.99
C PHE A 447 -4.61 10.62 6.78
N GLU A 448 -4.12 11.84 6.56
CA GLU A 448 -4.76 13.04 7.11
C GLU A 448 -6.18 13.12 6.58
N ARG A 449 -6.36 12.85 5.29
CA ARG A 449 -7.69 12.88 4.69
C ARG A 449 -8.58 11.82 5.30
N VAL A 450 -8.04 10.61 5.42
CA VAL A 450 -8.78 9.51 6.05
C VAL A 450 -9.26 9.92 7.46
N ALA A 451 -8.37 10.53 8.24
CA ALA A 451 -8.68 10.97 9.62
C ALA A 451 -9.78 12.04 9.69
N ILE A 452 -9.81 12.93 8.70
CA ILE A 452 -10.85 13.96 8.61
C ILE A 452 -12.22 13.32 8.42
N VAL A 453 -12.35 12.52 7.36
CA VAL A 453 -13.61 11.83 7.09
C VAL A 453 -14.13 11.08 8.30
N ARG A 454 -13.28 10.29 8.96
CA ARG A 454 -13.70 9.54 10.14
C ARG A 454 -14.25 10.46 11.24
N ARG A 455 -13.57 11.58 11.47
CA ARG A 455 -13.92 12.50 12.55
C ARG A 455 -15.20 13.31 12.25
N GLU A 456 -15.52 13.49 10.97
CA GLU A 456 -16.80 14.08 10.58
C GLU A 456 -17.95 13.13 10.85
N GLY A 457 -17.68 11.82 10.68
CA GLY A 457 -18.62 10.78 11.07
C GLY A 457 -18.86 10.75 12.57
N LEU A 458 -17.88 11.22 13.34
CA LEU A 458 -18.01 11.33 14.80
C LEU A 458 -18.27 12.79 15.21
N SER A 459 -19.53 13.22 15.07
CA SER A 459 -19.92 14.60 15.40
C SER A 459 -21.36 14.77 15.92
N GLY A 460 -22.04 13.65 16.18
CA GLY A 460 -23.42 13.68 16.68
C GLY A 460 -23.64 13.12 18.08
N ARG A 461 -22.56 12.68 18.74
CA ARG A 461 -22.64 12.04 20.07
C ARG A 461 -22.79 13.00 21.25
N GLY A 462 -23.40 12.53 22.34
CA GLY A 462 -23.58 13.32 23.57
C GLY A 462 -24.53 14.50 23.40
N ALA A 463 -25.83 14.25 23.58
CA ALA A 463 -26.91 15.24 23.36
C ALA A 463 -26.52 16.67 23.77
N ILE A 464 -26.37 16.90 25.07
CA ILE A 464 -25.70 18.09 25.59
C ILE A 464 -24.49 17.59 26.38
N GLY A 465 -23.30 17.94 25.92
CA GLY A 465 -22.06 17.64 26.66
C GLY A 465 -21.99 18.47 27.92
N LEU A 466 -21.41 17.89 28.98
CA LEU A 466 -21.26 18.60 30.26
C LEU A 466 -20.32 19.79 30.13
N ASP A 467 -20.56 20.83 30.92
CA ASP A 467 -19.81 22.08 30.80
C ASP A 467 -18.88 22.29 32.01
N LEU A 468 -17.78 21.55 32.03
CA LEU A 468 -16.92 21.48 33.21
C LEU A 468 -15.89 22.59 33.28
N THR A 469 -15.53 22.95 34.52
CA THR A 469 -14.48 23.94 34.75
C THR A 469 -13.09 23.30 34.61
N ALA A 470 -12.08 24.15 34.41
CA ALA A 470 -10.71 23.70 34.27
C ALA A 470 -10.25 22.98 35.53
N ALA A 471 -10.68 23.49 36.69
CA ALA A 471 -10.30 22.92 37.99
C ALA A 471 -10.83 21.49 38.16
N GLN A 472 -12.08 21.26 37.75
CA GLN A 472 -12.67 19.92 37.71
C GLN A 472 -11.92 18.99 36.76
N LYS A 473 -11.58 19.52 35.58
CA LYS A 473 -10.82 18.80 34.56
C LYS A 473 -9.42 18.42 35.03
N ARG A 474 -8.77 19.33 35.78
CA ARG A 474 -7.44 19.09 36.36
C ARG A 474 -7.50 18.06 37.51
N GLY A 475 -8.72 17.68 37.90
CA GLY A 475 -8.95 16.80 39.05
C GLY A 475 -8.62 17.47 40.38
N ALA A 476 -8.81 18.79 40.45
CA ALA A 476 -8.47 19.52 41.67
C ALA A 476 -9.62 19.62 42.68
N GLU A 477 -10.84 19.27 42.25
CA GLU A 477 -12.06 19.50 43.04
C GLU A 477 -12.46 18.31 43.92
N LEU A 478 -12.77 18.59 45.19
CA LEU A 478 -13.26 17.57 46.12
C LEU A 478 -14.56 16.92 45.64
N SER A 479 -15.32 17.65 44.82
CA SER A 479 -16.56 17.11 44.26
C SER A 479 -16.35 16.01 43.20
N GLY A 480 -15.10 15.86 42.73
CA GLY A 480 -14.78 14.82 41.73
C GLY A 480 -14.45 15.39 40.35
N MET A 481 -14.45 14.50 39.33
CA MET A 481 -14.02 14.88 37.97
C MET A 481 -15.15 15.58 37.21
N GLY A 482 -16.37 15.52 37.76
CA GLY A 482 -17.51 16.17 37.11
C GLY A 482 -18.62 15.19 36.80
N GLY A 483 -18.34 13.91 36.99
CA GLY A 483 -19.39 12.90 36.87
C GLY A 483 -20.14 12.87 38.19
N THR A 484 -21.06 11.94 38.34
CA THR A 484 -21.75 11.80 39.60
C THR A 484 -21.04 10.73 40.45
N ILE A 485 -20.64 11.11 41.66
CA ILE A 485 -19.96 10.19 42.58
C ILE A 485 -20.91 9.07 43.00
N SER A 486 -20.41 7.83 42.98
CA SER A 486 -21.19 6.68 43.47
C SER A 486 -20.22 5.64 44.03
N LYS A 487 -20.76 4.52 44.51
CA LYS A 487 -19.94 3.48 45.16
C LYS A 487 -18.81 2.99 44.26
N SER A 488 -19.16 2.69 43.00
CA SER A 488 -18.24 2.09 42.05
C SER A 488 -17.56 3.12 41.15
N ASN A 489 -17.94 4.37 41.34
CA ASN A 489 -17.29 5.50 40.74
C ASN A 489 -17.00 6.52 41.82
N PRO A 490 -16.21 6.14 42.85
CA PRO A 490 -16.03 7.08 43.95
C PRO A 490 -15.36 8.38 43.51
N ASN A 491 -14.61 8.35 42.40
CA ASN A 491 -13.87 9.54 42.01
C ASN A 491 -14.74 10.48 41.20
N GLY A 492 -15.90 9.99 40.77
CA GLY A 492 -16.78 10.79 39.94
C GLY A 492 -16.21 10.96 38.53
N ASN A 493 -15.66 9.88 37.99
CA ASN A 493 -15.12 9.91 36.63
C ASN A 493 -16.26 10.11 35.64
N VAL A 494 -15.99 10.92 34.63
CA VAL A 494 -17.01 11.36 33.66
C VAL A 494 -17.24 10.28 32.61
N SER A 495 -18.51 10.04 32.32
CA SER A 495 -18.90 9.05 31.33
C SER A 495 -18.64 9.55 29.92
N GLN A 496 -18.33 8.62 29.01
CA GLN A 496 -17.99 8.99 27.67
C GLN A 496 -18.68 8.15 26.61
N VAL A 497 -19.16 8.81 25.56
CA VAL A 497 -19.87 8.08 24.50
C VAL A 497 -18.86 7.52 23.50
N TYR A 498 -18.65 6.21 23.55
CA TYR A 498 -17.80 5.53 22.62
C TYR A 498 -18.61 5.15 21.38
N ILE A 499 -18.16 5.64 20.22
CA ILE A 499 -18.77 5.28 18.94
C ILE A 499 -17.98 4.16 18.29
N ASN A 500 -18.55 2.96 18.33
CA ASN A 500 -17.95 1.78 17.76
C ASN A 500 -18.25 1.78 16.29
N GLU A 501 -17.25 2.13 15.49
CA GLU A 501 -17.43 2.31 14.06
C GLU A 501 -17.80 1.00 13.34
N ALA A 502 -17.37 -0.14 13.90
CA ALA A 502 -17.60 -1.45 13.29
C ALA A 502 -19.04 -1.91 13.52
N GLU A 503 -19.37 -2.17 14.79
CA GLU A 503 -20.72 -2.54 15.22
C GLU A 503 -21.78 -1.48 14.91
N GLY A 504 -21.33 -0.28 14.52
CA GLY A 504 -22.23 0.88 14.35
C GLY A 504 -23.01 1.18 15.62
N ILE A 505 -22.43 0.84 16.77
CA ILE A 505 -23.09 0.94 18.07
C ILE A 505 -22.43 2.02 18.96
N GLU A 506 -23.25 2.71 19.75
CA GLU A 506 -22.77 3.63 20.77
C GLU A 506 -22.73 2.93 22.12
N LYS A 507 -21.65 3.13 22.87
CA LYS A 507 -21.52 2.61 24.23
C LYS A 507 -21.12 3.73 25.18
N ASN A 508 -21.68 3.70 26.38
CA ASN A 508 -21.33 4.64 27.43
C ASN A 508 -20.28 4.03 28.34
N ILE A 509 -19.12 4.69 28.39
CA ILE A 509 -17.95 4.18 29.08
C ILE A 509 -17.57 5.08 30.25
N THR A 510 -17.27 4.45 31.38
CA THR A 510 -16.83 5.17 32.57
C THR A 510 -15.65 4.42 33.10
N TYR A 511 -14.63 5.15 33.56
CA TYR A 511 -13.52 4.54 34.25
C TYR A 511 -13.89 4.29 35.72
N ARG A 512 -14.24 3.06 36.06
CA ARG A 512 -14.82 2.74 37.36
C ARG A 512 -13.88 1.96 38.26
N LYS A 513 -14.11 2.03 39.58
CA LYS A 513 -13.27 1.30 40.52
C LYS A 513 -13.98 0.04 40.99
N VAL A 514 -13.49 -1.11 40.54
CA VAL A 514 -14.15 -2.38 40.80
C VAL A 514 -13.31 -3.33 41.65
N PRO A 515 -13.97 -4.27 42.37
CA PRO A 515 -13.25 -5.28 43.13
C PRO A 515 -12.33 -6.09 42.24
N VAL A 516 -11.15 -6.42 42.74
CA VAL A 516 -10.24 -7.35 42.08
C VAL A 516 -10.84 -8.74 42.25
N PRO A 517 -11.61 -9.23 41.24
CA PRO A 517 -12.59 -10.32 41.43
C PRO A 517 -12.01 -11.64 41.97
N ASN A 518 -11.51 -11.56 43.22
CA ASN A 518 -10.85 -12.68 43.92
C ASN A 518 -10.45 -12.29 45.34
N GLU A 519 -9.50 -11.35 45.44
CA GLU A 519 -8.98 -10.88 46.72
C GLU A 519 -9.86 -9.77 47.29
N PRO A 520 -10.55 -10.05 48.41
CA PRO A 520 -11.39 -9.02 49.02
C PRO A 520 -10.52 -7.92 49.62
N GLY A 521 -11.06 -6.70 49.68
CA GLY A 521 -10.36 -5.60 50.32
C GLY A 521 -9.76 -4.60 49.36
N ASN A 522 -9.28 -5.07 48.21
CA ASN A 522 -8.68 -4.16 47.21
C ASN A 522 -9.43 -4.05 45.87
N PHE A 523 -9.22 -2.89 45.25
CA PHE A 523 -10.00 -2.43 44.11
C PHE A 523 -9.05 -1.95 43.01
N GLU A 524 -9.52 -1.99 41.76
CA GLU A 524 -8.73 -1.56 40.62
C GLU A 524 -9.64 -0.78 39.70
N ASN A 525 -9.04 -0.03 38.78
CA ASN A 525 -9.78 0.79 37.81
C ASN A 525 -10.04 0.01 36.53
N ARG A 526 -11.23 0.18 35.96
CA ARG A 526 -11.58 -0.49 34.72
C ARG A 526 -12.52 0.36 33.92
N LEU A 527 -12.24 0.47 32.62
CA LEU A 527 -13.16 1.10 31.69
C LEU A 527 -14.34 0.13 31.44
N GLN A 528 -15.56 0.58 31.70
CA GLN A 528 -16.70 -0.33 31.60
C GLN A 528 -17.83 0.35 30.88
N GLU A 529 -18.60 -0.44 30.16
CA GLU A 529 -19.81 0.07 29.55
C GLU A 529 -21.03 -0.28 30.44
N SER A 530 -21.96 0.66 30.57
CA SER A 530 -23.20 0.45 31.30
C SER A 530 -24.32 0.01 30.36
N PHE A 531 -25.24 -0.82 30.86
CA PHE A 531 -26.40 -1.28 30.07
C PHE A 531 -27.56 -1.68 31.02
N LEU A 532 -28.78 -1.74 30.48
CA LEU A 532 -29.96 -2.09 31.26
C LEU A 532 -30.25 -3.58 31.13
N ASP A 533 -30.51 -4.27 32.23
CA ASP A 533 -30.95 -5.66 32.16
C ASP A 533 -32.49 -5.70 31.95
N ASN A 534 -33.06 -6.90 31.98
CA ASN A 534 -34.50 -7.13 31.75
C ASN A 534 -35.41 -6.33 32.69
N ASN A 535 -34.87 -6.00 33.87
CA ASN A 535 -35.62 -5.34 34.90
C ASN A 535 -35.38 -3.83 35.04
N GLY A 536 -34.63 -3.26 34.09
CA GLY A 536 -34.28 -1.85 34.13
C GLY A 536 -33.17 -1.48 35.09
N GLN A 537 -32.45 -2.47 35.62
CA GLN A 537 -31.33 -2.20 36.52
C GLN A 537 -30.08 -1.87 35.67
N THR A 538 -29.28 -0.91 36.10
CA THR A 538 -28.05 -0.61 35.39
C THR A 538 -27.00 -1.63 35.76
N LYS A 539 -26.46 -2.30 34.76
CA LYS A 539 -25.37 -3.26 34.92
C LYS A 539 -24.13 -2.73 34.15
N TRP A 540 -22.99 -3.38 34.36
CA TRP A 540 -21.72 -2.94 33.78
C TRP A 540 -20.94 -4.08 33.26
N ARG A 541 -20.21 -3.87 32.15
CA ARG A 541 -19.30 -4.89 31.65
C ARG A 541 -18.01 -4.32 31.01
N ASP A 542 -16.94 -5.10 31.10
CA ASP A 542 -15.65 -4.78 30.46
C ASP A 542 -15.75 -4.65 28.95
N PHE A 543 -14.80 -3.95 28.34
CA PHE A 543 -14.55 -4.13 26.91
C PHE A 543 -14.28 -5.62 26.69
N PRO A 544 -14.92 -6.22 25.68
CA PRO A 544 -14.75 -7.66 25.48
C PRO A 544 -13.34 -8.04 25.01
N TYR A 545 -12.66 -7.13 24.32
CA TYR A 545 -11.29 -7.40 23.90
C TYR A 545 -10.44 -6.13 23.83
N ALA A 546 -9.13 -6.28 23.98
CA ALA A 546 -8.18 -5.16 24.04
C ALA A 546 -8.35 -4.17 22.87
N GLY A 547 -8.57 -4.71 21.67
CA GLY A 547 -8.73 -3.90 20.49
C GLY A 547 -9.76 -2.80 20.65
N GLU A 548 -10.90 -3.13 21.25
CA GLU A 548 -11.94 -2.12 21.43
C GLU A 548 -11.55 -1.04 22.46
N GLU A 549 -10.94 -1.44 23.59
CA GLU A 549 -10.41 -0.45 24.57
C GLU A 549 -9.38 0.46 23.91
N PHE A 550 -8.52 -0.14 23.08
CA PHE A 550 -7.48 0.61 22.38
C PHE A 550 -8.13 1.68 21.49
N ASP A 551 -9.13 1.28 20.71
CA ASP A 551 -9.83 2.21 19.84
C ASP A 551 -10.56 3.29 20.68
N PHE A 552 -11.22 2.87 21.77
CA PHE A 552 -11.85 3.85 22.65
C PHE A 552 -10.83 4.86 23.17
N ARG A 553 -9.67 4.35 23.59
CA ARG A 553 -8.64 5.20 24.18
C ARG A 553 -8.07 6.20 23.19
N LEU A 554 -8.00 5.80 21.91
CA LEU A 554 -7.61 6.72 20.84
C LEU A 554 -8.71 7.75 20.56
N GLN A 555 -9.95 7.28 20.43
CA GLN A 555 -11.09 8.15 20.14
C GLN A 555 -11.26 9.21 21.25
N HIS A 556 -11.03 8.80 22.50
CA HIS A 556 -11.10 9.73 23.64
C HIS A 556 -9.76 10.00 24.28
N LYS A 557 -8.75 10.14 23.42
CA LYS A 557 -7.34 10.23 23.86
C LYS A 557 -7.02 11.44 24.74
N ASP A 558 -7.83 12.50 24.64
CA ASP A 558 -7.59 13.74 25.39
C ASP A 558 -8.19 13.81 26.79
N ASP A 559 -9.08 12.86 27.14
CA ASP A 559 -9.78 12.95 28.43
C ASP A 559 -8.99 12.30 29.56
N PHE A 560 -9.14 12.88 30.76
CA PHE A 560 -8.45 12.42 31.96
C PHE A 560 -9.45 11.82 32.93
N ASN A 561 -8.96 10.88 33.74
CA ASN A 561 -9.72 10.26 34.81
C ASN A 561 -8.85 10.21 36.04
N ASN A 562 -9.49 10.18 37.21
CA ASN A 562 -8.79 9.96 38.46
C ASN A 562 -8.78 8.45 38.68
N ILE A 563 -7.60 7.85 38.55
CA ILE A 563 -7.44 6.42 38.81
C ILE A 563 -6.90 6.22 40.24
N GLY A 564 -6.78 7.32 40.98
CA GLY A 564 -6.34 7.25 42.38
C GLY A 564 -7.52 7.34 43.34
N ASP A 565 -7.41 8.24 44.32
CA ASP A 565 -8.42 8.39 45.39
C ASP A 565 -9.05 9.76 45.44
N LEU A 566 -10.03 9.92 46.35
CA LEU A 566 -10.70 11.21 46.54
C LEU A 566 -11.10 11.50 48.00
N GLY A 567 -10.68 12.66 48.49
CA GLY A 567 -10.96 13.08 49.87
C GLY A 567 -9.80 13.91 50.38
N VAL A 568 -10.01 14.58 51.51
CA VAL A 568 -9.06 15.57 52.04
C VAL A 568 -7.62 15.07 52.24
N GLY A 569 -7.41 13.94 52.91
CA GLY A 569 -6.01 13.52 53.06
C GLY A 569 -5.38 12.79 51.87
N LYS A 570 -6.17 12.56 50.81
CA LYS A 570 -5.93 11.49 49.82
C LYS A 570 -5.21 11.92 48.52
N GLN A 571 -4.59 10.96 47.83
CA GLN A 571 -3.89 11.22 46.57
C GLN A 571 -4.74 10.96 45.32
N GLY A 572 -5.12 12.05 44.65
CA GLY A 572 -5.72 11.95 43.32
C GLY A 572 -4.60 11.64 42.33
N ILE A 573 -4.86 10.72 41.40
CA ILE A 573 -3.90 10.31 40.36
C ILE A 573 -4.61 10.49 39.02
N ILE A 574 -4.21 11.52 38.27
CA ILE A 574 -5.01 11.98 37.12
C ILE A 574 -4.28 11.57 35.82
N ALA A 575 -4.94 10.74 35.03
CA ALA A 575 -4.29 10.06 33.89
C ALA A 575 -5.07 10.20 32.61
N VAL A 576 -4.37 10.51 31.53
CA VAL A 576 -5.00 10.69 30.23
C VAL A 576 -5.35 9.31 29.62
N ASN A 577 -6.37 9.25 28.75
CA ASN A 577 -6.77 7.99 28.12
C ASN A 577 -5.79 7.49 27.06
N ASN A 578 -5.09 8.41 26.38
CA ASN A 578 -4.19 8.06 25.26
C ASN A 578 -3.43 6.76 25.52
N PRO A 579 -3.57 5.77 24.61
CA PRO A 579 -2.96 4.48 24.96
C PRO A 579 -1.43 4.49 24.91
N TYR A 580 -0.83 5.55 24.40
CA TYR A 580 0.63 5.70 24.36
C TYR A 580 1.16 6.58 25.49
N SER A 581 0.33 6.85 26.49
CA SER A 581 0.72 7.66 27.63
C SER A 581 1.53 6.87 28.64
N PHE A 582 2.69 7.42 29.02
CA PHE A 582 3.57 6.83 30.05
C PHE A 582 3.77 7.79 31.21
N VAL A 583 2.85 8.75 31.33
CA VAL A 583 2.86 9.76 32.39
C VAL A 583 1.47 9.93 33.00
N HIS A 584 1.45 10.58 34.16
CA HIS A 584 0.21 11.05 34.77
C HIS A 584 0.61 12.13 35.72
N HIS A 585 -0.36 12.89 36.23
CA HIS A 585 -0.08 13.83 37.31
C HIS A 585 -0.86 13.49 38.55
N SER A 586 -0.40 13.98 39.69
CA SER A 586 -1.05 13.64 40.95
C SER A 586 -0.78 14.68 42.01
N HIS A 587 -1.55 14.60 43.09
CA HIS A 587 -1.55 15.60 44.14
C HIS A 587 -2.33 15.06 45.30
N THR A 588 -2.19 15.71 46.44
CA THR A 588 -3.04 15.41 47.57
C THR A 588 -4.06 16.54 47.69
N PHE A 589 -5.34 16.17 47.75
CA PHE A 589 -6.43 17.12 48.01
C PHE A 589 -6.24 17.72 49.40
N GLU A 590 -6.37 19.03 49.51
CA GLU A 590 -6.35 19.64 50.85
C GLU A 590 -7.76 20.05 51.19
N GLN A 591 -7.98 20.58 52.41
CA GLN A 591 -9.30 21.03 52.82
C GLN A 591 -9.78 22.04 51.77
N LYS A 592 -8.87 22.91 51.34
CA LYS A 592 -9.07 23.74 50.15
C LYS A 592 -7.86 23.61 49.22
N GLY A 593 -8.12 23.49 47.92
CA GLY A 593 -7.05 23.38 46.93
C GLY A 593 -6.34 22.04 46.98
N ILE A 594 -5.11 22.01 46.49
CA ILE A 594 -4.31 20.78 46.45
C ILE A 594 -2.89 21.04 46.92
N SER A 595 -2.14 19.98 47.17
CA SER A 595 -0.72 20.12 47.44
C SER A 595 0.10 18.99 46.80
N ASN A 596 1.42 19.18 46.75
CA ASN A 596 2.35 18.20 46.18
C ASN A 596 2.03 17.85 44.73
N ASN A 597 1.45 18.80 43.99
CA ASN A 597 1.16 18.61 42.58
C ASN A 597 2.44 18.28 41.82
N HIS A 598 2.44 17.17 41.09
CA HIS A 598 3.65 16.78 40.32
C HIS A 598 3.31 15.85 39.18
N LEU A 599 4.18 15.83 38.17
CA LEU A 599 4.04 14.93 37.02
C LEU A 599 4.91 13.71 37.25
N THR A 600 4.39 12.55 36.90
CA THR A 600 5.10 11.29 37.08
C THR A 600 5.31 10.60 35.76
N LEU A 601 6.55 10.22 35.52
CA LEU A 601 6.93 9.39 34.40
C LEU A 601 6.99 7.94 34.90
N GLU A 602 6.29 7.06 34.19
CA GLU A 602 6.22 5.65 34.52
C GLU A 602 7.46 4.90 33.97
N SER A 603 8.51 4.89 34.77
CA SER A 603 9.85 4.51 34.33
C SER A 603 9.92 3.19 33.61
N ASN A 604 9.49 2.12 34.27
CA ASN A 604 9.66 0.77 33.73
C ASN A 604 8.69 0.49 32.59
N ALA A 605 7.50 1.11 32.65
CA ALA A 605 6.52 0.90 31.57
C ALA A 605 7.13 1.52 30.31
N PHE A 606 7.64 2.75 30.47
CA PHE A 606 8.26 3.49 29.38
C PHE A 606 9.49 2.73 28.88
N LEU A 607 10.35 2.32 29.82
CA LEU A 607 11.58 1.57 29.49
C LEU A 607 11.25 0.33 28.66
N THR A 608 10.29 -0.45 29.13
CA THR A 608 9.92 -1.71 28.48
C THR A 608 9.38 -1.43 27.10
N TYR A 609 8.46 -0.47 27.01
CA TYR A 609 7.87 -0.19 25.70
C TYR A 609 8.94 0.26 24.70
N ILE A 610 9.79 1.19 25.11
CA ILE A 610 10.79 1.74 24.20
C ILE A 610 11.82 0.67 23.76
N GLU A 611 12.30 -0.14 24.72
CA GLU A 611 13.20 -1.25 24.39
C GLU A 611 12.54 -2.21 23.40
N GLY A 612 11.24 -2.43 23.54
CA GLY A 612 10.50 -3.24 22.59
C GLY A 612 10.46 -2.60 21.22
N LYS A 613 10.05 -1.33 21.18
CA LYS A 613 10.01 -0.58 19.92
C LYS A 613 11.39 -0.39 19.29
N LYS A 614 12.44 -0.33 20.11
CA LYS A 614 13.82 -0.17 19.62
C LYS A 614 14.29 -1.32 18.73
N THR A 615 13.77 -2.53 18.95
CA THR A 615 14.13 -3.67 18.12
C THR A 615 13.67 -3.49 16.66
N GLY A 616 12.73 -2.58 16.45
CA GLY A 616 12.13 -2.40 15.13
C GLY A 616 11.00 -3.37 14.88
N ASP A 617 10.83 -4.36 15.77
CA ASP A 617 9.75 -5.33 15.68
C ASP A 617 9.15 -5.66 17.05
N PHE A 618 8.32 -4.76 17.56
CA PHE A 618 7.74 -4.94 18.88
C PHE A 618 7.06 -6.30 19.03
N GLU A 619 6.23 -6.68 18.06
CA GLU A 619 5.46 -7.92 18.14
C GLU A 619 6.34 -9.14 18.37
N ASN A 620 7.48 -9.17 17.69
CA ASN A 620 8.42 -10.26 17.86
C ASN A 620 8.95 -10.37 19.28
N LYS A 621 9.21 -9.23 19.91
CA LYS A 621 9.82 -9.18 21.24
C LYS A 621 8.80 -9.37 22.36
N TYR A 622 7.75 -8.56 22.38
CA TYR A 622 6.69 -8.72 23.35
C TYR A 622 5.46 -9.04 22.54
N GLY A 623 4.29 -9.13 23.13
CA GLY A 623 3.17 -9.60 22.31
C GLY A 623 2.69 -8.66 21.22
N ASN A 624 1.48 -8.94 20.76
CA ASN A 624 0.64 -7.95 20.13
C ASN A 624 0.79 -6.60 20.85
N GLU A 625 1.10 -5.56 20.08
CA GLU A 625 1.45 -4.27 20.65
C GLU A 625 0.22 -3.59 21.23
N MET A 626 -0.90 -3.74 20.54
CA MET A 626 -2.18 -3.24 21.00
C MET A 626 -2.57 -3.84 22.36
N GLU A 627 -2.42 -5.16 22.48
CA GLU A 627 -2.70 -5.84 23.74
C GLU A 627 -1.71 -5.32 24.80
N TRP A 628 -0.45 -5.14 24.40
CA TRP A 628 0.56 -4.70 25.36
C TRP A 628 0.20 -3.36 25.96
N LEU A 629 -0.26 -2.42 25.13
CA LEU A 629 -0.56 -1.05 25.57
C LEU A 629 -1.81 -0.95 26.44
N VAL A 630 -2.84 -1.71 26.08
CA VAL A 630 -4.05 -1.78 26.89
C VAL A 630 -3.66 -2.38 28.24
N ARG A 631 -2.87 -3.45 28.24
CA ARG A 631 -2.50 -4.13 29.48
C ARG A 631 -1.61 -3.27 30.38
N LYS A 632 -0.88 -2.32 29.79
CA LYS A 632 0.02 -1.43 30.54
C LYS A 632 -0.74 -0.70 31.64
N PHE A 633 -1.97 -0.29 31.36
CA PHE A 633 -2.77 0.50 32.30
C PHE A 633 -3.27 -0.29 33.52
N LYS A 634 -3.10 -1.62 33.49
CA LYS A 634 -3.50 -2.53 34.56
C LYS A 634 -2.27 -3.08 35.28
N THR A 635 -1.09 -2.66 34.85
CA THR A 635 0.16 -3.22 35.35
C THR A 635 0.92 -2.22 36.23
N LYS A 636 1.34 -2.69 37.40
CA LYS A 636 2.12 -1.86 38.34
C LYS A 636 3.57 -1.68 37.88
N LYS A 637 4.23 -0.65 38.42
CA LYS A 637 5.57 -0.23 37.96
C LYS A 637 6.64 -1.33 37.97
N ASN A 638 6.61 -2.20 38.97
CA ASN A 638 7.62 -3.24 39.05
C ASN A 638 7.18 -4.58 38.46
N ASP A 639 6.10 -4.58 37.70
CA ASP A 639 5.56 -5.80 37.11
C ASP A 639 5.66 -5.87 35.58
N PHE A 640 6.46 -5.00 34.98
CA PHE A 640 6.75 -5.07 33.52
C PHE A 640 7.95 -5.98 33.27
N ASP A 641 8.14 -6.43 32.03
CA ASP A 641 9.26 -7.30 31.67
C ASP A 641 10.60 -6.71 32.14
N LEU A 642 10.74 -5.40 32.04
CA LEU A 642 11.94 -4.75 32.54
C LEU A 642 11.62 -4.08 33.86
N LYS A 643 12.50 -4.28 34.83
CA LYS A 643 12.28 -3.79 36.19
C LYS A 643 13.48 -2.98 36.64
N ASP A 644 14.33 -2.61 35.70
CA ASP A 644 15.63 -1.99 36.03
C ASP A 644 15.57 -0.67 36.78
N ILE A 645 14.56 0.16 36.51
CA ILE A 645 14.48 1.45 37.19
C ILE A 645 13.78 1.24 38.54
N PRO A 646 14.48 1.59 39.64
CA PRO A 646 13.97 1.33 40.99
C PRO A 646 12.65 2.05 41.35
N ASP A 647 12.30 3.12 40.64
CA ASP A 647 11.06 3.87 40.95
C ASP A 647 10.65 4.70 39.75
N ASN A 648 9.43 5.23 39.82
CA ASN A 648 8.96 6.24 38.89
C ASN A 648 9.71 7.53 39.11
N ILE A 649 9.64 8.40 38.10
CA ILE A 649 10.42 9.61 38.00
C ILE A 649 9.44 10.79 38.10
N HIS A 650 9.79 11.83 38.85
CA HIS A 650 8.87 12.93 39.15
C HIS A 650 9.40 14.28 38.73
N PHE A 651 8.51 15.09 38.17
CA PHE A 651 8.80 16.48 37.81
C PHE A 651 7.78 17.36 38.52
N ARG A 652 8.17 18.57 38.90
CA ARG A 652 7.24 19.52 39.55
C ARG A 652 7.66 20.94 39.23
N THR A 653 6.74 21.90 39.40
CA THR A 653 7.09 23.30 39.15
C THR A 653 7.83 23.85 40.35
N ASP A 654 8.59 24.91 40.12
CA ASP A 654 9.23 25.61 41.22
C ASP A 654 8.25 26.10 42.32
N ARG A 655 7.13 26.67 41.91
CA ARG A 655 6.19 27.28 42.84
C ARG A 655 5.43 26.22 43.67
N GLU A 656 5.34 25.00 43.16
CA GLU A 656 4.60 23.94 43.84
C GLU A 656 5.49 22.92 44.55
N LYS A 657 6.81 23.15 44.56
CA LYS A 657 7.74 22.11 44.97
C LYS A 657 7.72 21.70 46.45
N GLY A 658 7.14 22.54 47.31
CA GLY A 658 7.18 22.29 48.76
C GLY A 658 8.62 22.17 49.22
N ASP A 659 8.96 21.06 49.85
CA ASP A 659 10.36 20.84 50.27
C ASP A 659 11.16 19.87 49.37
N HIS A 660 10.67 19.62 48.15
CA HIS A 660 11.43 18.81 47.20
C HIS A 660 12.46 19.68 46.50
N SER A 661 13.73 19.28 46.56
CA SER A 661 14.78 19.98 45.83
C SER A 661 14.67 19.62 44.33
N LEU A 662 14.84 20.63 43.49
CA LEU A 662 14.67 20.46 42.03
C LEU A 662 15.98 20.58 41.29
N THR A 663 16.10 19.89 40.16
CA THR A 663 17.22 20.11 39.27
C THR A 663 16.80 21.19 38.28
N THR A 664 17.70 21.55 37.37
CA THR A 664 17.39 22.51 36.31
C THR A 664 17.00 21.76 35.01
N TYR A 665 16.96 20.44 35.08
CA TYR A 665 16.52 19.61 33.95
C TYR A 665 15.01 19.64 33.84
N THR A 666 14.49 19.90 32.65
CA THR A 666 13.06 20.11 32.49
C THR A 666 12.42 18.96 31.71
N LEU A 667 11.11 18.80 31.87
CA LEU A 667 10.33 17.88 31.05
C LEU A 667 10.52 18.19 29.57
N GLN A 668 10.61 19.46 29.23
CA GLN A 668 10.92 19.86 27.85
C GLN A 668 12.24 19.26 27.33
N ASP A 669 13.31 19.31 28.13
CA ASP A 669 14.56 18.67 27.70
C ASP A 669 14.32 17.19 27.38
N PHE A 670 13.55 16.52 28.25
CA PHE A 670 13.23 15.10 28.11
C PHE A 670 12.47 14.85 26.83
N ILE A 671 11.44 15.66 26.62
CA ILE A 671 10.56 15.51 25.46
C ILE A 671 11.35 15.75 24.16
N THR A 672 12.16 16.79 24.15
CA THR A 672 12.97 17.11 22.94
C THR A 672 13.82 15.91 22.52
N VAL A 673 14.50 15.27 23.47
CA VAL A 673 15.33 14.13 23.12
C VAL A 673 14.45 12.94 22.68
N VAL A 674 13.38 12.68 23.43
CA VAL A 674 12.53 11.53 23.15
C VAL A 674 11.95 11.62 21.73
N GLU A 675 11.44 12.80 21.40
CA GLU A 675 10.87 13.13 20.11
C GLU A 675 11.88 12.93 18.96
N ASN A 676 13.12 13.33 19.17
CA ASN A 676 14.17 13.08 18.18
C ASN A 676 14.58 11.62 18.05
N ALA A 677 14.35 10.79 19.08
CA ALA A 677 14.73 9.36 18.98
C ALA A 677 16.17 9.13 18.44
N PRO A 678 17.18 9.77 19.06
CA PRO A 678 18.53 9.63 18.50
C PRO A 678 19.19 8.32 18.88
N THR A 679 20.29 8.02 18.19
CA THR A 679 21.18 6.92 18.53
C THR A 679 20.42 5.61 18.68
N LYS A 680 20.53 4.91 19.80
CA LYS A 680 19.89 3.58 19.90
C LYS A 680 18.35 3.59 19.85
N MET A 681 17.76 4.77 20.03
CA MET A 681 16.30 4.93 19.87
C MET A 681 15.81 5.09 18.42
N ARG A 682 16.72 5.16 17.45
CA ARG A 682 16.35 5.59 16.09
C ARG A 682 15.14 4.88 15.49
N LYS A 683 15.05 3.56 15.67
CA LYS A 683 13.97 2.78 15.05
C LYS A 683 12.57 3.13 15.56
N VAL A 684 12.48 3.66 16.79
CA VAL A 684 11.19 4.08 17.36
C VAL A 684 10.55 5.11 16.43
N LYS A 685 11.39 5.92 15.79
CA LYS A 685 10.96 6.96 14.87
C LYS A 685 10.27 6.44 13.61
N ASN A 686 10.48 5.17 13.26
CA ASN A 686 9.74 4.52 12.16
C ASN A 686 8.23 4.47 12.41
N ASP A 687 7.84 4.43 13.68
CA ASP A 687 6.42 4.50 14.02
C ASP A 687 6.08 5.90 14.55
N GLU A 688 5.85 6.82 13.62
CA GLU A 688 5.55 8.21 13.95
C GLU A 688 4.27 8.36 14.74
N PHE A 689 3.29 7.52 14.44
CA PHE A 689 2.01 7.55 15.14
C PHE A 689 2.20 7.29 16.63
N ALA A 690 2.97 6.24 16.96
CA ALA A 690 3.26 5.91 18.32
C ALA A 690 4.03 7.03 19.00
N LEU A 691 5.13 7.46 18.38
CA LEU A 691 5.99 8.50 18.97
C LEU A 691 5.29 9.85 19.20
N ASN A 692 4.53 10.33 18.21
CA ASN A 692 3.72 11.56 18.36
C ASN A 692 2.73 11.47 19.56
N ASN A 693 2.04 10.32 19.67
CA ASN A 693 1.13 10.09 20.78
C ASN A 693 1.83 10.02 22.14
N ILE A 694 3.04 9.45 22.19
CA ILE A 694 3.83 9.44 23.43
C ILE A 694 4.09 10.89 23.90
N VAL A 695 4.50 11.71 22.94
CA VAL A 695 4.87 13.08 23.17
C VAL A 695 3.63 13.91 23.52
N GLU A 696 2.61 13.78 22.68
CA GLU A 696 1.34 14.50 22.90
C GLU A 696 0.73 14.14 24.26
N SER A 697 0.82 12.87 24.68
CA SER A 697 0.38 12.46 26.04
C SER A 697 1.13 13.25 27.09
N MET A 698 2.44 13.37 26.91
CA MET A 698 3.25 14.09 27.88
C MET A 698 2.88 15.56 27.99
N ARG A 699 2.71 16.20 26.84
CA ARG A 699 2.33 17.61 26.76
C ARG A 699 0.92 17.87 27.33
N ALA A 700 -0.04 17.03 26.97
CA ALA A 700 -1.40 17.13 27.53
C ALA A 700 -1.40 16.98 29.06
N THR A 701 -0.56 16.07 29.58
CA THR A 701 -0.50 15.80 31.01
C THR A 701 0.11 17.00 31.74
N ALA A 702 1.20 17.55 31.21
CA ALA A 702 1.81 18.79 31.75
C ALA A 702 0.79 19.92 31.80
N LYS A 703 0.06 20.09 30.70
CA LYS A 703 -0.92 21.15 30.59
C LYS A 703 -2.08 20.96 31.58
N ASN A 704 -2.61 19.75 31.63
CA ASN A 704 -3.76 19.45 32.49
C ASN A 704 -3.50 19.67 33.99
N MET A 705 -2.25 19.51 34.44
CA MET A 705 -1.88 19.79 35.83
C MET A 705 -1.59 21.28 36.07
N GLY A 706 -1.85 22.10 35.05
CA GLY A 706 -1.69 23.55 35.14
C GLY A 706 -0.26 24.00 34.92
N ALA A 707 0.55 23.14 34.30
CA ALA A 707 1.95 23.51 34.09
C ALA A 707 2.32 23.50 32.59
N SER A 708 3.60 23.35 32.30
CA SER A 708 4.08 23.23 30.94
C SER A 708 5.40 22.50 31.00
N PRO A 709 5.81 21.89 29.87
CA PRO A 709 7.06 21.15 29.88
C PRO A 709 8.29 21.96 30.32
N ASP A 710 8.36 23.23 29.94
CA ASP A 710 9.52 24.05 30.35
C ASP A 710 9.45 24.61 31.78
N THR A 711 8.32 24.44 32.47
CA THR A 711 8.20 24.91 33.87
C THR A 711 8.21 23.72 34.85
N LEU A 712 8.32 22.51 34.31
CA LEU A 712 8.39 21.29 35.10
C LEU A 712 9.83 20.79 35.24
N PHE A 713 10.35 20.83 36.45
CA PHE A 713 11.74 20.39 36.70
C PHE A 713 11.82 18.98 37.33
N LEU A 714 12.82 18.20 36.94
CA LEU A 714 13.05 16.87 37.52
C LEU A 714 13.49 17.04 38.98
N ASP A 715 12.88 16.27 39.90
CA ASP A 715 13.31 16.20 41.31
C ASP A 715 14.76 15.78 41.39
N VAL A 716 15.49 16.36 42.33
CA VAL A 716 16.84 15.90 42.60
C VAL A 716 16.81 14.39 42.88
N ALA A 717 15.79 13.94 43.60
CA ALA A 717 15.67 12.53 44.00
C ALA A 717 15.49 11.58 42.80
N SER A 718 14.98 12.10 41.68
CA SER A 718 14.81 11.30 40.47
C SER A 718 16.06 11.27 39.55
N THR A 719 17.09 12.03 39.91
CA THR A 719 18.31 12.17 39.07
C THR A 719 18.86 10.85 38.53
N ASN A 720 19.20 9.94 39.45
CA ASN A 720 19.77 8.65 39.09
C ASN A 720 18.84 7.81 38.24
N TYR A 721 17.55 7.86 38.55
CA TYR A 721 16.56 7.09 37.81
C TYR A 721 16.50 7.56 36.36
N MET A 722 16.48 8.89 36.18
CA MET A 722 16.47 9.50 34.84
C MET A 722 17.73 9.18 34.02
N THR A 723 18.92 9.34 34.61
CA THR A 723 20.17 9.07 33.88
C THR A 723 20.30 7.58 33.54
N GLN A 724 19.83 6.72 34.45
CA GLN A 724 19.84 5.27 34.19
C GLN A 724 18.93 4.95 33.01
N LEU A 725 17.71 5.47 33.07
CA LEU A 725 16.71 5.27 32.01
C LEU A 725 17.21 5.70 30.64
N MET A 726 17.67 6.94 30.55
CA MET A 726 18.14 7.50 29.28
C MET A 726 19.40 6.81 28.78
N GLY A 727 20.31 6.49 29.68
CA GLY A 727 21.52 5.75 29.34
C GLY A 727 21.17 4.48 28.61
N GLN A 728 20.16 3.77 29.12
CA GLN A 728 19.73 2.52 28.53
C GLN A 728 18.99 2.76 27.21
N VAL A 729 18.01 3.66 27.26
CA VAL A 729 17.15 3.93 26.12
C VAL A 729 17.99 4.47 24.96
N LEU A 730 18.87 5.41 25.26
CA LEU A 730 19.60 6.09 24.21
C LEU A 730 20.87 5.38 23.77
N THR A 731 21.51 4.63 24.66
CA THR A 731 22.84 4.06 24.35
C THR A 731 22.99 2.58 24.69
N ASN A 732 21.89 1.91 25.02
CA ASN A 732 21.94 0.51 25.48
C ASN A 732 22.85 0.32 26.69
N GLY A 733 22.97 1.37 27.50
CA GLY A 733 23.79 1.33 28.71
C GLY A 733 25.30 1.36 28.45
N ARG A 734 25.70 1.72 27.24
CA ARG A 734 27.13 1.78 26.87
C ARG A 734 27.78 3.07 27.33
N GLN A 735 27.00 4.14 27.45
CA GLN A 735 27.56 5.41 27.87
C GLN A 735 26.87 5.94 29.14
N GLU A 736 27.69 6.39 30.09
CA GLU A 736 27.18 7.00 31.33
C GLU A 736 26.74 8.41 31.03
N LEU A 737 25.46 8.71 31.26
CA LEU A 737 24.94 10.04 30.97
C LEU A 737 24.67 10.81 32.25
N ASN A 738 24.75 12.13 32.19
CA ASN A 738 24.33 12.97 33.31
C ASN A 738 23.34 13.99 32.79
N LEU A 739 22.69 14.70 33.72
CA LEU A 739 21.60 15.59 33.39
C LEU A 739 22.03 16.76 32.51
N GLN A 740 23.22 17.29 32.77
CA GLN A 740 23.72 18.39 31.98
C GLN A 740 23.94 17.90 30.53
N GLY A 741 24.55 16.73 30.38
CA GLY A 741 24.73 16.14 29.05
C GLY A 741 23.37 15.98 28.37
N LEU A 742 22.37 15.52 29.13
CA LEU A 742 21.03 15.38 28.58
C LEU A 742 20.41 16.73 28.20
N SER A 743 20.61 17.76 29.04
CA SER A 743 20.13 19.12 28.71
C SER A 743 20.83 19.72 27.50
N ASN A 744 22.15 19.53 27.44
CA ASN A 744 22.90 19.98 26.27
C ASN A 744 22.48 19.27 24.99
N ALA A 745 22.20 17.96 25.07
CA ALA A 745 21.72 17.22 23.91
C ALA A 745 20.41 17.81 23.39
N ALA A 746 19.51 18.14 24.31
CA ALA A 746 18.28 18.84 23.94
C ALA A 746 18.58 20.19 23.29
N GLN A 747 19.45 20.97 23.93
CA GLN A 747 19.91 22.24 23.35
C GLN A 747 20.45 22.11 21.92
N LYS A 748 21.33 21.14 21.69
CA LYS A 748 21.84 20.83 20.35
C LYS A 748 20.72 20.55 19.36
N LEU A 749 19.64 19.90 19.83
CA LEU A 749 18.53 19.59 18.92
C LEU A 749 17.71 20.82 18.51
N ARG A 750 17.55 21.78 19.41
CA ARG A 750 16.85 23.04 19.10
C ARG A 750 17.69 23.97 18.21
N ASN A 751 19.01 23.92 18.34
CA ASN A 751 19.93 24.72 17.52
C ASN A 751 19.87 24.40 16.02
N GLY A 752 19.74 23.11 15.69
CA GLY A 752 19.66 22.65 14.30
C GLY A 752 18.38 23.03 13.57
MG MG B . -1.59 8.34 -39.08
#